data_6W62
#
_entry.id   6W62
#
loop_
_entity.id
_entity.type
_entity.pdbx_description
1 polymer Cas12i
2 polymer crRNA
#
loop_
_entity_poly.entity_id
_entity_poly.type
_entity_poly.pdbx_seq_one_letter_code
_entity_poly.pdbx_strand_id
1 'polypeptide(L)'
;MSNKEKNASETRKAYTTKMIPRSHDRMKLLGNFMDYLMDGTPIFFELWNQFGGGIDRDIISGTANKDKISDDLLLAVNWF
KVMPINSKPQGVSPSNLANLFQQYSGSEPDIQAQEYFASNFDTEKHQWKDMRVEYERLLAELQLSRSDMHHDLKLMYKEK
CIGLSLSTAHYITSVMFGTGAKNNRQTKHQFYSKVIQLLEESTQINSVEQLASIILKAGDCDSYRKLRIRCSRKGATPSI
LKIVQDYELGTNHDDEVNVPSLIANLKEKLGRFEYECEWKCMEKIKAFLASKVGPYYLGSYSAMLENALSPIKGMTTKNC
KFVLKQIDAKNDIKYENEPFGKIVEGFFDSPYFESDTNVKWVLHPHHIGESNIKTLWEDLNAIHSKYEEDIASLSEDKKE
KRIKVYQGDVCQTINTYCEEVGKEAKTPLVQLLRYLYSRKDDIAVDKIIDGITFLSKKHKVEKQKINPVIQKYPSFNFGN
NSKLLGKIISPKDKLKHNLKCNRNQVDNYIWIEIKVLNTKTMRWEKHHYALSSTRFLEEVYYPATSENPPDALAARFRTK
TNGYEGKPALSAEQIEQIRSAPVGLRKVKKRQMRLEAARQQNLLPRYTWGKDFNINICKRGNNFEVTLATKVKKKKEKNY
KVVLGYDANIVRKNTYAAIEAHANGDGVIDYNDLPVKPIESGFVTVESQVRDKSYDQLSYNGVKLLYCKPHVESRRSFLE
KYRNGTMKDNRGNNIQIDFMKDFEAIADDETSLYYFNMKYCKLLQSSIRNHSSQAKEYREEIFELLRDGKLSVLKLSSLS
NLSFVMFKVAKSLIGTYFGHLLKKPKNSKSDVKAPPITDEDKQKADPEMFALRLALEEKRLNKVKSKKEVIANKIVAKAL
ELRDKYGPVLIKGENISDTTKKGKKSSTNSFLMDWLARGVANKVKEMVMMHQGLEFVEVNPNFTSHQDPFVHKNPENTFR
ARYSRCTPSELTEKNRKEILSFLSDKPSKRPTNAYYNEGAMAFLATYGLKKNDVLGVSLEKFKQIMANILHQRSEDQLLF
PSRGGMFYLATYKLDADATSVNWNGKQFWVCNADLVAAYNVGLVDIQKDFKKK
;
A
2 'polyribonucleotide' CAAAUUGUGCCCAUCGUUGGCACGCGUGCA B
#
loop_
_chem_comp.id
_chem_comp.type
_chem_comp.name
_chem_comp.formula
A RNA linking ADENOSINE-5'-MONOPHOSPHATE 'C10 H14 N5 O7 P'
C RNA linking CYTIDINE-5'-MONOPHOSPHATE 'C9 H14 N3 O8 P'
G RNA linking GUANOSINE-5'-MONOPHOSPHATE 'C10 H14 N5 O8 P'
U RNA linking URIDINE-5'-MONOPHOSPHATE 'C9 H13 N2 O9 P'
#
# COMPACT_ATOMS: atom_id res chain seq x y z
N ASN A 7 24.04 -1.60 11.11
CA ASN A 7 25.48 -1.40 11.19
C ASN A 7 26.15 -1.74 9.86
N ALA A 8 25.69 -2.81 9.23
CA ALA A 8 26.21 -3.26 7.93
C ALA A 8 25.03 -3.79 7.13
N SER A 9 24.45 -2.95 6.28
CA SER A 9 23.29 -3.30 5.47
C SER A 9 23.53 -2.77 4.06
N GLU A 10 23.97 -3.65 3.17
CA GLU A 10 24.20 -3.31 1.77
C GLU A 10 22.91 -3.49 0.98
N THR A 11 22.77 -2.68 -0.07
CA THR A 11 21.56 -2.70 -0.89
C THR A 11 21.95 -2.57 -2.36
N ARG A 12 21.05 -3.02 -3.23
CA ARG A 12 21.32 -2.99 -4.66
C ARG A 12 20.81 -1.69 -5.27
N LYS A 13 21.28 -1.42 -6.48
CA LYS A 13 20.83 -0.25 -7.24
C LYS A 13 21.14 -0.49 -8.70
N ALA A 14 20.10 -0.55 -9.53
CA ALA A 14 20.26 -0.81 -10.96
C ALA A 14 19.66 0.35 -11.75
N TYR A 15 20.15 0.50 -12.99
CA TYR A 15 19.79 1.65 -13.81
C TYR A 15 19.06 1.26 -15.08
N THR A 16 18.56 0.03 -15.17
CA THR A 16 17.71 -0.43 -16.27
C THR A 16 18.22 0.07 -17.62
N THR A 17 19.40 -0.43 -17.99
CA THR A 17 20.04 -0.04 -19.23
C THR A 17 19.28 -0.60 -20.43
N LYS A 18 19.78 -0.31 -21.63
CA LYS A 18 19.14 -0.75 -22.87
C LYS A 18 20.21 -1.26 -23.82
N MET A 19 19.98 -2.46 -24.35
CA MET A 19 20.87 -3.05 -25.34
C MET A 19 20.57 -2.48 -26.73
N ILE A 20 21.58 -2.50 -27.59
CA ILE A 20 21.45 -2.01 -28.95
C ILE A 20 22.02 -3.07 -29.90
N PRO A 21 21.36 -3.39 -31.01
CA PRO A 21 21.97 -4.32 -31.97
C PRO A 21 23.11 -3.69 -32.72
N ARG A 22 24.34 -4.08 -32.41
CA ARG A 22 25.53 -3.49 -33.00
C ARG A 22 26.22 -4.39 -34.02
N SER A 23 26.23 -5.70 -33.78
CA SER A 23 26.83 -6.66 -34.71
C SER A 23 26.00 -7.92 -34.70
N HIS A 24 25.43 -8.26 -35.85
CA HIS A 24 24.49 -9.38 -35.90
C HIS A 24 25.16 -10.69 -35.52
N ASP A 25 26.40 -10.90 -35.98
CA ASP A 25 27.08 -12.15 -35.68
C ASP A 25 27.34 -12.29 -34.18
N ARG A 26 27.92 -11.26 -33.56
CA ARG A 26 28.22 -11.36 -32.13
C ARG A 26 26.95 -11.31 -31.30
N MET A 27 25.96 -10.51 -31.73
CA MET A 27 24.67 -10.49 -31.04
C MET A 27 24.05 -11.89 -31.05
N LYS A 28 24.07 -12.56 -32.19
CA LYS A 28 23.50 -13.90 -32.26
C LYS A 28 24.33 -14.91 -31.49
N LEU A 29 25.65 -14.72 -31.41
CA LEU A 29 26.46 -15.60 -30.58
C LEU A 29 26.05 -15.48 -29.11
N LEU A 30 25.91 -14.24 -28.63
CA LEU A 30 25.47 -14.04 -27.26
C LEU A 30 24.07 -14.58 -27.05
N GLY A 31 23.19 -14.39 -28.04
CA GLY A 31 21.84 -14.92 -27.93
C GLY A 31 21.81 -16.44 -27.87
N ASN A 32 22.67 -17.09 -28.66
CA ASN A 32 22.77 -18.55 -28.62
C ASN A 32 23.28 -19.01 -27.26
N PHE A 33 24.28 -18.32 -26.71
CA PHE A 33 24.75 -18.69 -25.38
C PHE A 33 23.65 -18.53 -24.34
N MET A 34 22.91 -17.42 -24.41
CA MET A 34 21.84 -17.18 -23.45
C MET A 34 20.74 -18.22 -23.60
N ASP A 35 20.39 -18.58 -24.83
CA ASP A 35 19.37 -19.60 -25.04
C ASP A 35 19.84 -20.96 -24.55
N TYR A 36 21.12 -21.29 -24.77
CA TYR A 36 21.67 -22.51 -24.21
C TYR A 36 21.49 -22.55 -22.69
N LEU A 37 21.90 -21.49 -22.00
CA LEU A 37 21.80 -21.49 -20.56
C LEU A 37 20.34 -21.52 -20.10
N MET A 38 19.47 -20.78 -20.80
CA MET A 38 18.06 -20.76 -20.44
C MET A 38 17.42 -22.13 -20.60
N ASP A 39 17.73 -22.83 -21.70
CA ASP A 39 17.18 -24.16 -21.92
C ASP A 39 17.78 -25.19 -20.98
N GLY A 40 19.02 -24.99 -20.53
CA GLY A 40 19.59 -25.87 -19.52
C GLY A 40 19.10 -25.62 -18.12
N THR A 41 18.57 -24.42 -17.84
CA THR A 41 18.07 -24.13 -16.49
C THR A 41 16.95 -25.07 -16.08
N PRO A 42 15.91 -25.31 -16.89
CA PRO A 42 14.86 -26.25 -16.46
C PRO A 42 15.38 -27.63 -16.12
N ILE A 43 16.46 -28.07 -16.77
CA ILE A 43 17.05 -29.36 -16.43
C ILE A 43 17.48 -29.35 -14.97
N PHE A 44 18.20 -28.31 -14.56
CA PHE A 44 18.61 -28.22 -13.16
C PHE A 44 17.42 -28.02 -12.24
N PHE A 45 16.39 -27.31 -12.70
CA PHE A 45 15.19 -27.14 -11.88
C PHE A 45 14.59 -28.50 -11.55
N GLU A 46 14.36 -29.33 -12.57
CA GLU A 46 13.79 -30.66 -12.34
C GLU A 46 14.74 -31.51 -11.51
N LEU A 47 16.04 -31.44 -11.79
CA LEU A 47 17.00 -32.27 -11.06
C LEU A 47 17.04 -31.92 -9.58
N TRP A 48 16.97 -30.63 -9.25
CA TRP A 48 16.99 -30.23 -7.85
C TRP A 48 15.67 -30.51 -7.16
N ASN A 49 14.55 -30.39 -7.88
CA ASN A 49 13.30 -30.93 -7.35
C ASN A 49 13.47 -32.40 -7.00
N GLN A 50 14.16 -33.14 -7.88
CA GLN A 50 14.33 -34.57 -7.65
C GLN A 50 15.14 -34.83 -6.38
N PHE A 51 16.26 -34.13 -6.22
CA PHE A 51 17.04 -34.28 -4.99
C PHE A 51 16.22 -33.89 -3.77
N GLY A 52 15.48 -32.78 -3.85
CA GLY A 52 14.74 -32.32 -2.69
C GLY A 52 13.67 -33.30 -2.27
N GLY A 53 12.90 -33.82 -3.22
CA GLY A 53 11.85 -34.77 -2.89
C GLY A 53 12.38 -36.05 -2.26
N GLY A 54 13.66 -36.35 -2.47
CA GLY A 54 14.23 -37.59 -1.98
C GLY A 54 14.52 -37.59 -0.49
N ILE A 55 14.38 -36.45 0.19
CA ILE A 55 14.66 -36.43 1.62
C ILE A 55 13.67 -37.35 2.33
N ASP A 56 14.07 -37.82 3.50
CA ASP A 56 13.22 -38.70 4.29
C ASP A 56 13.51 -38.45 5.77
N ARG A 57 12.55 -38.81 6.61
CA ARG A 57 12.71 -38.62 8.04
C ARG A 57 13.99 -39.32 8.52
N ASP A 58 14.51 -38.82 9.64
CA ASP A 58 15.78 -39.20 10.25
C ASP A 58 16.96 -38.61 9.48
N ILE A 59 16.74 -37.94 8.36
CA ILE A 59 17.83 -37.29 7.63
C ILE A 59 18.01 -35.85 8.05
N ILE A 60 17.02 -35.24 8.71
CA ILE A 60 17.14 -33.87 9.19
C ILE A 60 17.58 -33.88 10.64
N SER A 61 18.13 -35.02 11.09
CA SER A 61 18.54 -35.18 12.48
C SER A 61 19.88 -34.50 12.73
N GLY A 62 19.97 -33.20 12.43
CA GLY A 62 21.18 -32.44 12.66
C GLY A 62 20.94 -31.29 13.63
N THR A 63 21.18 -30.06 13.15
CA THR A 63 20.94 -28.89 13.99
C THR A 63 19.45 -28.70 14.27
N ALA A 64 18.60 -28.98 13.29
CA ALA A 64 17.16 -28.82 13.44
C ALA A 64 16.81 -27.40 13.88
N ASN A 65 17.51 -26.43 13.31
CA ASN A 65 17.38 -25.03 13.71
C ASN A 65 16.29 -24.36 12.89
N LYS A 66 15.05 -24.61 13.29
CA LYS A 66 13.88 -23.92 12.75
C LYS A 66 13.13 -23.21 13.88
N ASP A 67 12.58 -22.04 13.58
CA ASP A 67 11.86 -21.27 14.58
C ASP A 67 10.72 -22.08 15.18
N LYS A 68 9.73 -22.43 14.35
CA LYS A 68 8.59 -23.22 14.82
C LYS A 68 8.18 -24.27 13.80
N ILE A 69 9.02 -24.57 12.81
CA ILE A 69 8.69 -25.55 11.79
C ILE A 69 8.97 -26.94 12.36
N SER A 70 7.93 -27.77 12.39
CA SER A 70 8.08 -29.12 12.88
C SER A 70 8.69 -30.02 11.82
N ASP A 71 9.09 -31.22 12.23
CA ASP A 71 9.61 -32.20 11.30
C ASP A 71 8.59 -32.50 10.20
N ASP A 72 7.33 -32.70 10.59
CA ASP A 72 6.32 -33.12 9.62
C ASP A 72 6.13 -32.08 8.53
N LEU A 73 5.98 -30.81 8.90
CA LEU A 73 5.75 -29.77 7.90
C LEU A 73 6.95 -29.65 6.96
N LEU A 74 8.15 -29.56 7.52
CA LEU A 74 9.34 -29.43 6.68
C LEU A 74 9.42 -30.59 5.70
N LEU A 75 9.28 -31.82 6.18
CA LEU A 75 9.42 -32.98 5.32
C LEU A 75 8.34 -33.01 4.24
N ALA A 76 7.08 -32.84 4.64
CA ALA A 76 5.99 -32.87 3.67
C ALA A 76 6.20 -31.79 2.60
N VAL A 77 6.40 -30.55 3.03
CA VAL A 77 6.58 -29.46 2.09
C VAL A 77 7.76 -29.74 1.18
N ASN A 78 8.81 -30.39 1.71
CA ASN A 78 10.02 -30.55 0.91
C ASN A 78 9.85 -31.66 -0.13
N TRP A 79 9.03 -32.67 0.16
CA TRP A 79 8.63 -33.60 -0.90
C TRP A 79 7.13 -33.59 -1.19
N PHE A 80 6.42 -32.54 -0.83
CA PHE A 80 5.11 -32.26 -1.42
C PHE A 80 5.09 -30.81 -1.87
N LYS A 81 4.70 -30.59 -3.12
CA LYS A 81 4.67 -29.27 -3.71
C LYS A 81 3.52 -29.22 -4.70
N VAL A 82 3.14 -28.00 -5.09
CA VAL A 82 2.05 -27.79 -6.03
C VAL A 82 2.67 -27.21 -7.29
N MET A 83 2.87 -28.06 -8.30
CA MET A 83 3.54 -27.65 -9.52
C MET A 83 2.53 -27.47 -10.63
N PRO A 84 2.90 -26.85 -11.76
CA PRO A 84 1.94 -26.67 -12.84
C PRO A 84 1.41 -28.00 -13.35
N ILE A 85 0.16 -27.97 -13.81
CA ILE A 85 -0.52 -29.20 -14.22
C ILE A 85 0.26 -29.89 -15.33
N ASN A 86 0.70 -29.12 -16.32
CA ASN A 86 1.47 -29.67 -17.44
C ASN A 86 2.93 -29.78 -17.02
N SER A 87 3.23 -30.85 -16.29
CA SER A 87 4.58 -31.08 -15.80
C SER A 87 4.79 -32.57 -15.58
N LYS A 88 6.04 -32.99 -15.70
CA LYS A 88 6.37 -34.40 -15.57
C LYS A 88 6.01 -35.01 -14.22
N PRO A 89 6.18 -34.32 -13.08
CA PRO A 89 6.08 -35.02 -11.79
C PRO A 89 4.68 -35.51 -11.43
N GLN A 90 3.71 -35.38 -12.34
CA GLN A 90 2.32 -35.75 -12.06
C GLN A 90 2.25 -37.15 -11.47
N GLY A 91 1.17 -37.46 -10.77
CA GLY A 91 0.98 -38.79 -10.22
C GLY A 91 0.28 -38.85 -8.88
N VAL A 92 0.01 -37.71 -8.26
CA VAL A 92 -0.66 -37.67 -6.96
C VAL A 92 -1.91 -36.81 -7.07
N SER A 93 -2.87 -37.11 -6.19
CA SER A 93 -4.14 -36.43 -6.08
C SER A 93 -4.33 -35.90 -4.66
N PRO A 94 -5.11 -34.84 -4.47
CA PRO A 94 -5.22 -34.24 -3.12
C PRO A 94 -6.05 -35.07 -2.15
N SER A 95 -6.44 -36.29 -2.54
CA SER A 95 -7.28 -37.13 -1.70
C SER A 95 -6.46 -37.98 -0.74
N ASN A 96 -5.58 -38.82 -1.28
CA ASN A 96 -4.85 -39.80 -0.50
C ASN A 96 -3.57 -39.24 0.11
N LEU A 97 -3.51 -37.93 0.33
CA LEU A 97 -2.28 -37.31 0.82
C LEU A 97 -1.88 -37.87 2.18
N ALA A 98 -2.84 -38.04 3.08
CA ALA A 98 -2.52 -38.47 4.44
C ALA A 98 -1.88 -39.85 4.43
N ASN A 99 -2.52 -40.82 3.79
CA ASN A 99 -1.95 -42.17 3.75
C ASN A 99 -0.66 -42.20 2.95
N LEU A 100 -0.55 -41.37 1.90
CA LEU A 100 0.70 -41.31 1.16
C LEU A 100 1.85 -40.85 2.06
N PHE A 101 1.62 -39.82 2.86
CA PHE A 101 2.64 -39.37 3.80
C PHE A 101 2.92 -40.46 4.83
N GLN A 102 1.88 -41.17 5.27
CA GLN A 102 2.07 -42.24 6.25
C GLN A 102 2.98 -43.32 5.69
N GLN A 103 2.79 -43.68 4.43
CA GLN A 103 3.62 -44.73 3.84
C GLN A 103 5.10 -44.38 3.89
N TYR A 104 5.43 -43.10 3.85
CA TYR A 104 6.82 -42.64 3.85
C TYR A 104 7.29 -42.50 5.29
N SER A 105 8.09 -43.45 5.75
CA SER A 105 8.71 -43.43 7.07
C SER A 105 7.70 -43.61 8.22
N GLY A 106 6.49 -44.07 7.92
CA GLY A 106 5.51 -44.32 8.95
C GLY A 106 5.22 -43.09 9.79
N SER A 107 5.00 -41.96 9.13
CA SER A 107 4.79 -40.69 9.80
C SER A 107 3.29 -40.40 9.93
N GLU A 108 2.90 -39.81 11.05
CA GLU A 108 1.50 -39.49 11.31
C GLU A 108 1.24 -38.06 10.87
N PRO A 109 0.28 -37.81 9.95
CA PRO A 109 0.01 -36.42 9.57
C PRO A 109 -0.66 -35.63 10.68
N ASP A 110 0.08 -34.74 11.31
CA ASP A 110 -0.44 -33.95 12.41
C ASP A 110 -1.07 -32.66 11.89
N ILE A 111 -1.64 -31.87 12.79
CA ILE A 111 -2.23 -30.60 12.40
C ILE A 111 -1.20 -29.72 11.71
N GLN A 112 0.03 -29.70 12.24
CA GLN A 112 1.08 -28.88 11.66
C GLN A 112 1.26 -29.18 10.17
N ALA A 113 1.28 -30.46 9.80
CA ALA A 113 1.38 -30.84 8.41
C ALA A 113 0.01 -31.01 7.75
N GLN A 114 -1.01 -31.39 8.52
CA GLN A 114 -2.33 -31.59 7.93
C GLN A 114 -2.86 -30.29 7.35
N GLU A 115 -2.75 -29.18 8.10
CA GLU A 115 -3.30 -27.93 7.60
C GLU A 115 -2.56 -27.46 6.36
N TYR A 116 -1.27 -27.77 6.26
CA TYR A 116 -0.58 -27.64 4.98
C TYR A 116 -1.28 -28.48 3.91
N PHE A 117 -1.52 -29.75 4.21
CA PHE A 117 -2.27 -30.58 3.27
C PHE A 117 -3.67 -30.02 3.07
N ALA A 118 -4.31 -29.65 4.17
CA ALA A 118 -5.68 -29.08 4.10
C ALA A 118 -5.55 -27.59 3.77
N SER A 119 -4.81 -27.31 2.69
CA SER A 119 -4.60 -25.94 2.17
C SER A 119 -5.03 -25.96 0.71
N ASN A 120 -5.92 -25.05 0.31
CA ASN A 120 -6.40 -25.04 -1.06
C ASN A 120 -5.37 -24.41 -1.99
N PHE A 121 -5.42 -24.82 -3.26
CA PHE A 121 -4.58 -24.26 -4.31
C PHE A 121 -5.45 -23.88 -5.50
N ASP A 122 -4.83 -23.53 -6.62
CA ASP A 122 -5.55 -23.21 -7.85
C ASP A 122 -5.49 -24.42 -8.76
N THR A 123 -6.53 -25.25 -8.71
CA THR A 123 -6.59 -26.44 -9.55
C THR A 123 -6.71 -26.12 -11.03
N GLU A 124 -7.00 -24.87 -11.38
CA GLU A 124 -7.14 -24.50 -12.78
C GLU A 124 -5.79 -24.53 -13.51
N LYS A 125 -4.70 -24.28 -12.78
CA LYS A 125 -3.37 -24.22 -13.39
C LYS A 125 -2.31 -25.02 -12.66
N HIS A 126 -2.55 -25.47 -11.43
CA HIS A 126 -1.56 -26.20 -10.65
C HIS A 126 -2.18 -27.47 -10.10
N GLN A 127 -1.32 -28.31 -9.53
CA GLN A 127 -1.76 -29.55 -8.90
C GLN A 127 -0.61 -30.12 -8.10
N TRP A 128 -0.94 -30.93 -7.09
CA TRP A 128 0.07 -31.50 -6.23
C TRP A 128 0.93 -32.49 -7.00
N LYS A 129 2.20 -32.58 -6.60
CA LYS A 129 3.15 -33.51 -7.21
C LYS A 129 3.82 -34.32 -6.11
N ASP A 130 4.19 -35.56 -6.45
CA ASP A 130 4.71 -36.48 -5.45
C ASP A 130 6.11 -36.08 -5.00
N MET A 131 7.06 -36.05 -5.93
CA MET A 131 8.48 -35.79 -5.68
C MET A 131 9.16 -36.96 -4.97
N ARG A 132 8.46 -38.05 -4.69
CA ARG A 132 9.06 -39.25 -4.13
C ARG A 132 9.09 -40.40 -5.13
N VAL A 133 7.96 -40.74 -5.74
CA VAL A 133 8.00 -41.64 -6.88
C VAL A 133 8.82 -41.02 -7.99
N GLU A 134 8.83 -39.69 -8.07
CA GLU A 134 9.70 -39.01 -9.00
C GLU A 134 11.16 -39.14 -8.59
N TYR A 135 11.43 -39.14 -7.28
CA TYR A 135 12.79 -39.41 -6.81
C TYR A 135 13.22 -40.81 -7.20
N GLU A 136 12.32 -41.79 -7.07
CA GLU A 136 12.63 -43.14 -7.52
C GLU A 136 12.85 -43.18 -9.02
N ARG A 137 12.06 -42.43 -9.78
CA ARG A 137 12.25 -42.39 -11.23
C ARG A 137 13.62 -41.82 -11.58
N LEU A 138 14.04 -40.75 -10.89
CA LEU A 138 15.36 -40.19 -11.11
C LEU A 138 16.44 -41.19 -10.75
N LEU A 139 16.28 -41.89 -9.63
CA LEU A 139 17.26 -42.90 -9.24
C LEU A 139 17.39 -43.99 -10.30
N ALA A 140 16.24 -44.44 -10.83
CA ALA A 140 16.26 -45.46 -11.87
C ALA A 140 16.93 -44.94 -13.14
N GLU A 141 16.57 -43.74 -13.57
CA GLU A 141 17.17 -43.16 -14.76
C GLU A 141 18.67 -42.91 -14.60
N LEU A 142 19.14 -42.76 -13.37
CA LEU A 142 20.57 -42.64 -13.09
C LEU A 142 21.23 -43.98 -12.81
N GLN A 143 20.45 -45.06 -12.74
CA GLN A 143 21.00 -46.39 -12.47
C GLN A 143 21.84 -46.39 -11.20
N LEU A 144 21.36 -45.69 -10.18
CA LEU A 144 22.05 -45.58 -8.91
C LEU A 144 21.22 -46.24 -7.81
N SER A 145 21.91 -46.92 -6.90
CA SER A 145 21.24 -47.58 -5.80
C SER A 145 20.53 -46.56 -4.91
N ARG A 146 19.37 -46.96 -4.40
CA ARG A 146 18.59 -46.06 -3.54
C ARG A 146 19.40 -45.64 -2.32
N SER A 147 20.18 -46.54 -1.74
CA SER A 147 21.03 -46.18 -0.60
C SER A 147 22.04 -45.12 -0.99
N ASP A 148 22.66 -45.27 -2.17
CA ASP A 148 23.65 -44.29 -2.61
C ASP A 148 23.01 -42.91 -2.81
N MET A 149 21.85 -42.86 -3.46
CA MET A 149 21.19 -41.57 -3.68
C MET A 149 20.77 -40.95 -2.36
N HIS A 150 20.26 -41.76 -1.44
CA HIS A 150 19.87 -41.23 -0.13
C HIS A 150 21.09 -40.67 0.60
N HIS A 151 22.21 -41.38 0.57
CA HIS A 151 23.42 -40.88 1.20
C HIS A 151 23.88 -39.57 0.56
N ASP A 152 23.80 -39.49 -0.77
CA ASP A 152 24.23 -38.29 -1.47
C ASP A 152 23.36 -37.10 -1.08
N LEU A 153 22.04 -37.29 -1.05
CA LEU A 153 21.17 -36.17 -0.70
C LEU A 153 21.30 -35.80 0.77
N LYS A 154 21.55 -36.79 1.64
CA LYS A 154 21.82 -36.46 3.04
C LYS A 154 23.09 -35.63 3.18
N LEU A 155 24.14 -36.00 2.44
CA LEU A 155 25.37 -35.22 2.49
C LEU A 155 25.13 -33.80 1.97
N MET A 156 24.35 -33.66 0.90
CA MET A 156 24.04 -32.33 0.40
C MET A 156 23.28 -31.51 1.43
N TYR A 157 22.29 -32.12 2.09
CA TYR A 157 21.56 -31.42 3.13
C TYR A 157 22.47 -31.04 4.29
N LYS A 158 23.50 -31.85 4.55
CA LYS A 158 24.43 -31.53 5.63
C LYS A 158 25.10 -30.18 5.37
N GLU A 159 25.48 -29.92 4.13
CA GLU A 159 26.04 -28.63 3.74
C GLU A 159 24.96 -27.62 3.37
N LYS A 160 23.72 -27.85 3.80
CA LYS A 160 22.60 -26.95 3.52
C LYS A 160 22.43 -26.74 2.01
N CYS A 161 22.68 -27.80 1.25
CA CYS A 161 22.57 -27.74 -0.20
C CYS A 161 21.21 -28.20 -0.72
N ILE A 162 20.29 -28.60 0.17
CA ILE A 162 18.94 -28.98 -0.22
C ILE A 162 18.00 -28.70 0.94
N GLY A 163 16.73 -28.49 0.63
CA GLY A 163 15.70 -28.35 1.64
C GLY A 163 15.25 -26.91 1.85
N LEU A 164 15.61 -26.34 2.99
CA LEU A 164 15.19 -25.01 3.38
C LEU A 164 16.42 -24.11 3.48
N SER A 165 16.34 -22.93 2.87
CA SER A 165 17.40 -21.93 2.94
C SER A 165 18.72 -22.48 2.39
N LEU A 166 18.70 -22.79 1.09
CA LEU A 166 19.90 -23.27 0.42
C LEU A 166 20.96 -22.17 0.39
N SER A 167 22.19 -22.57 0.10
CA SER A 167 23.30 -21.63 -0.03
C SER A 167 23.31 -21.04 -1.43
N THR A 168 24.38 -20.33 -1.77
CA THR A 168 24.51 -19.70 -3.07
C THR A 168 25.13 -20.67 -4.07
N ALA A 169 24.90 -20.39 -5.36
CA ALA A 169 25.37 -21.29 -6.40
C ALA A 169 26.88 -21.47 -6.36
N HIS A 170 27.62 -20.46 -5.88
CA HIS A 170 29.06 -20.60 -5.78
C HIS A 170 29.43 -21.84 -4.98
N TYR A 171 29.03 -21.86 -3.70
CA TYR A 171 29.35 -23.00 -2.85
C TYR A 171 28.74 -24.28 -3.38
N ILE A 172 27.50 -24.21 -3.86
CA ILE A 172 26.82 -25.40 -4.38
C ILE A 172 27.67 -26.05 -5.45
N THR A 173 27.91 -25.32 -6.54
CA THR A 173 28.68 -25.87 -7.65
C THR A 173 30.10 -26.24 -7.23
N SER A 174 30.68 -25.51 -6.27
CA SER A 174 32.01 -25.85 -5.80
C SER A 174 32.03 -27.23 -5.16
N VAL A 175 31.01 -27.54 -4.36
CA VAL A 175 30.90 -28.86 -3.75
C VAL A 175 30.20 -29.84 -4.69
N MET A 176 29.14 -29.39 -5.37
CA MET A 176 28.43 -30.22 -6.32
C MET A 176 29.27 -30.42 -7.57
N SER A 300 29.04 -21.09 -15.56
CA SER A 300 27.92 -21.33 -16.46
C SER A 300 26.83 -22.12 -15.75
N TYR A 301 27.24 -23.15 -15.01
CA TYR A 301 26.29 -23.92 -14.21
C TYR A 301 25.69 -23.07 -13.10
N SER A 302 26.49 -22.17 -12.51
CA SER A 302 26.01 -21.40 -11.36
C SER A 302 24.85 -20.48 -11.74
N ALA A 303 24.99 -19.73 -12.83
CA ALA A 303 23.95 -18.77 -13.19
C ALA A 303 22.66 -19.47 -13.56
N MET A 304 22.74 -20.55 -14.32
CA MET A 304 21.54 -21.32 -14.64
C MET A 304 20.98 -22.03 -13.42
N LEU A 305 21.84 -22.28 -12.42
CA LEU A 305 21.39 -22.92 -11.19
C LEU A 305 20.59 -21.96 -10.32
N GLU A 306 21.06 -20.71 -10.19
CA GLU A 306 20.32 -19.72 -9.42
C GLU A 306 19.00 -19.34 -10.07
N ASN A 307 18.83 -19.61 -11.36
CA ASN A 307 17.53 -19.46 -12.00
C ASN A 307 16.69 -20.73 -11.91
N ALA A 308 17.21 -21.77 -11.27
CA ALA A 308 16.51 -23.03 -11.14
C ALA A 308 16.04 -23.28 -9.71
N LEU A 309 16.95 -23.26 -8.73
CA LEU A 309 16.56 -23.50 -7.35
C LEU A 309 16.20 -22.22 -6.59
N SER A 310 16.21 -21.07 -7.25
CA SER A 310 15.67 -19.88 -6.60
C SER A 310 14.23 -20.10 -6.16
N PRO A 311 13.32 -20.58 -7.00
CA PRO A 311 11.98 -20.89 -6.50
C PRO A 311 11.99 -22.00 -5.45
N ILE A 312 12.79 -23.04 -5.66
CA ILE A 312 12.84 -24.14 -4.70
C ILE A 312 13.30 -23.66 -3.33
N LYS A 313 14.02 -22.55 -3.27
CA LYS A 313 14.47 -21.98 -2.01
C LYS A 313 13.53 -20.94 -1.45
N GLY A 314 12.83 -20.20 -2.31
CA GLY A 314 11.97 -19.14 -1.85
C GLY A 314 10.57 -19.60 -1.51
N MET A 315 9.93 -20.32 -2.44
CA MET A 315 8.57 -20.77 -2.22
C MET A 315 8.47 -21.73 -1.05
N THR A 316 9.49 -22.56 -0.82
CA THR A 316 9.47 -23.45 0.32
C THR A 316 9.39 -22.67 1.63
N THR A 317 10.24 -21.65 1.78
CA THR A 317 10.22 -20.85 2.99
C THR A 317 8.92 -20.07 3.10
N LYS A 318 8.44 -19.52 2.00
CA LYS A 318 7.18 -18.79 2.03
C LYS A 318 6.04 -19.71 2.48
N ASN A 319 6.02 -20.94 1.97
CA ASN A 319 4.96 -21.87 2.34
C ASN A 319 5.07 -22.30 3.80
N CYS A 320 6.29 -22.52 4.30
CA CYS A 320 6.40 -22.94 5.70
C CYS A 320 5.94 -21.82 6.62
N LYS A 321 6.34 -20.58 6.35
CA LYS A 321 5.86 -19.46 7.16
C LYS A 321 4.35 -19.29 6.99
N PHE A 322 3.84 -19.55 5.79
CA PHE A 322 2.40 -19.47 5.56
C PHE A 322 1.66 -20.47 6.43
N VAL A 323 2.15 -21.70 6.51
CA VAL A 323 1.49 -22.71 7.33
C VAL A 323 1.62 -22.36 8.81
N LEU A 324 2.77 -21.82 9.22
CA LEU A 324 2.90 -21.37 10.60
C LEU A 324 1.83 -20.33 10.93
N LYS A 325 1.70 -19.32 10.06
CA LYS A 325 0.71 -18.27 10.31
C LYS A 325 -0.70 -18.84 10.32
N GLN A 326 -1.00 -19.76 9.40
CA GLN A 326 -2.35 -20.32 9.34
C GLN A 326 -2.67 -21.12 10.59
N ILE A 327 -1.73 -21.95 11.06
CA ILE A 327 -1.97 -22.71 12.28
C ILE A 327 -2.15 -21.76 13.46
N ASP A 328 -1.37 -20.66 13.48
CA ASP A 328 -1.53 -19.66 14.52
C ASP A 328 -2.78 -18.82 14.32
N ALA A 329 -3.47 -18.93 13.18
CA ALA A 329 -4.70 -18.22 12.92
C ALA A 329 -5.84 -19.15 12.52
N LYS A 330 -5.67 -20.45 12.69
CA LYS A 330 -6.72 -21.43 12.44
C LYS A 330 -7.30 -21.99 13.73
N ASN A 331 -6.44 -22.39 14.67
CA ASN A 331 -6.91 -22.87 15.96
C ASN A 331 -7.61 -21.76 16.73
N ASP A 332 -7.11 -20.53 16.63
CA ASP A 332 -7.71 -19.42 17.35
C ASP A 332 -9.16 -19.19 16.94
N ILE A 333 -9.55 -19.61 15.74
CA ILE A 333 -10.94 -19.47 15.33
C ILE A 333 -11.82 -20.20 16.34
N LYS A 334 -13.03 -19.67 16.54
CA LYS A 334 -13.90 -20.20 17.58
C LYS A 334 -14.14 -21.69 17.41
N TYR A 335 -14.55 -22.10 16.21
CA TYR A 335 -14.91 -23.47 15.87
C TYR A 335 -16.21 -23.90 16.53
N GLU A 336 -16.84 -23.04 17.34
CA GLU A 336 -18.11 -23.35 17.98
C GLU A 336 -19.25 -22.51 17.46
N ASN A 337 -18.98 -21.39 16.80
CA ASN A 337 -19.99 -20.52 16.23
C ASN A 337 -20.19 -20.77 14.74
N GLU A 338 -19.69 -21.89 14.23
CA GLU A 338 -19.83 -22.18 12.80
C GLU A 338 -21.29 -22.12 12.37
N PRO A 339 -22.20 -22.59 13.24
CA PRO A 339 -23.62 -22.48 12.91
C PRO A 339 -24.04 -21.04 12.76
N PHE A 340 -23.73 -20.21 13.77
CA PHE A 340 -24.01 -18.78 13.66
C PHE A 340 -23.21 -18.15 12.53
N GLY A 341 -22.01 -18.66 12.26
CA GLY A 341 -21.24 -18.13 11.15
C GLY A 341 -21.95 -18.31 9.82
N LYS A 342 -22.44 -19.51 9.55
CA LYS A 342 -23.22 -19.73 8.34
C LYS A 342 -24.50 -18.91 8.36
N ILE A 343 -25.13 -18.80 9.54
CA ILE A 343 -26.34 -18.00 9.66
C ILE A 343 -26.11 -16.58 9.18
N VAL A 344 -25.04 -15.94 9.66
CA VAL A 344 -24.75 -14.58 9.22
C VAL A 344 -24.30 -14.58 7.77
N GLU A 345 -23.54 -15.58 7.33
CA GLU A 345 -23.09 -15.64 5.95
C GLU A 345 -24.27 -15.70 5.00
N GLY A 346 -25.43 -16.16 5.47
CA GLY A 346 -26.64 -16.11 4.68
C GLY A 346 -26.93 -14.71 4.17
N PHE A 347 -26.28 -13.71 4.77
CA PHE A 347 -26.47 -12.33 4.31
C PHE A 347 -26.14 -12.19 2.83
N PHE A 348 -25.03 -12.78 2.40
CA PHE A 348 -24.68 -12.72 0.98
C PHE A 348 -25.77 -13.35 0.14
N ASP A 349 -26.27 -14.51 0.57
CA ASP A 349 -27.41 -15.16 -0.09
C ASP A 349 -28.72 -14.63 0.48
N SER A 350 -28.90 -13.31 0.31
CA SER A 350 -30.09 -12.65 0.82
C SER A 350 -30.59 -11.60 -0.18
N VAL A 359 -21.50 -9.91 -7.50
CA VAL A 359 -20.14 -10.09 -6.99
C VAL A 359 -20.17 -10.23 -5.48
N LYS A 360 -19.25 -11.02 -4.95
CA LYS A 360 -19.15 -11.30 -3.52
C LYS A 360 -17.84 -10.74 -2.99
N TRP A 361 -17.90 -10.08 -1.83
CA TRP A 361 -16.74 -9.52 -1.18
C TRP A 361 -16.58 -10.12 0.21
N VAL A 362 -15.44 -9.84 0.82
CA VAL A 362 -15.09 -10.41 2.11
C VAL A 362 -15.74 -9.60 3.23
N LEU A 363 -16.19 -10.30 4.27
CA LEU A 363 -16.76 -9.65 5.44
C LEU A 363 -15.74 -9.60 6.56
N HIS A 364 -15.69 -8.46 7.24
CA HIS A 364 -14.70 -8.16 8.25
C HIS A 364 -15.35 -7.42 9.39
N PRO A 365 -14.72 -7.40 10.58
CA PRO A 365 -15.36 -6.74 11.74
C PRO A 365 -15.61 -5.25 11.52
N HIS A 366 -14.90 -4.60 10.60
CA HIS A 366 -15.16 -3.20 10.33
C HIS A 366 -16.53 -2.98 9.69
N HIS A 367 -17.20 -4.04 9.26
CA HIS A 367 -18.54 -3.93 8.69
C HIS A 367 -19.63 -3.86 9.75
N ILE A 368 -19.27 -3.88 11.03
CA ILE A 368 -20.27 -3.86 12.10
C ILE A 368 -19.96 -2.77 13.12
N GLY A 369 -18.69 -2.36 13.21
CA GLY A 369 -18.28 -1.55 14.34
C GLY A 369 -18.23 -2.38 15.59
N GLU A 370 -17.20 -3.23 15.67
CA GLU A 370 -17.12 -4.34 16.61
C GLU A 370 -17.67 -4.00 18.00
N SER A 371 -17.17 -2.93 18.61
CA SER A 371 -17.47 -2.65 20.01
C SER A 371 -18.72 -1.80 20.21
N ASN A 372 -19.39 -1.36 19.14
CA ASN A 372 -20.50 -0.44 19.26
C ASN A 372 -21.84 -1.02 18.84
N ILE A 373 -21.86 -2.13 18.11
CA ILE A 373 -23.14 -2.74 17.78
C ILE A 373 -23.86 -3.21 19.04
N LYS A 374 -23.13 -3.47 20.12
CA LYS A 374 -23.79 -3.77 21.38
C LYS A 374 -24.69 -2.62 21.82
N THR A 375 -24.15 -1.40 21.81
CA THR A 375 -24.97 -0.23 22.14
C THR A 375 -26.07 -0.03 21.10
N LEU A 376 -25.77 -0.30 19.83
CA LEU A 376 -26.78 -0.17 18.80
C LEU A 376 -27.99 -1.05 19.11
N TRP A 377 -27.73 -2.32 19.43
CA TRP A 377 -28.83 -3.23 19.75
C TRP A 377 -29.46 -2.90 21.09
N GLU A 378 -28.72 -2.30 22.02
CA GLU A 378 -29.35 -1.81 23.23
C GLU A 378 -30.40 -0.77 22.90
N ASP A 379 -30.04 0.20 22.05
CA ASP A 379 -31.00 1.22 21.64
C ASP A 379 -32.16 0.61 20.86
N LEU A 380 -31.86 -0.38 20.00
CA LEU A 380 -32.92 -1.01 19.23
C LEU A 380 -33.87 -1.82 20.10
N ASN A 381 -33.30 -2.42 21.16
CA ASN A 381 -34.10 -3.16 22.18
C ASN A 381 -35.02 -2.14 22.87
N ALA A 382 -34.49 -0.95 23.20
CA ALA A 382 -35.27 0.10 23.82
C ALA A 382 -36.42 0.52 22.91
N ILE A 383 -36.13 0.67 21.61
CA ILE A 383 -37.19 0.99 20.65
C ILE A 383 -38.23 -0.11 20.62
N HIS A 384 -37.77 -1.37 20.61
CA HIS A 384 -38.69 -2.50 20.55
C HIS A 384 -39.64 -2.49 21.74
N SER A 385 -39.13 -2.24 22.94
CA SER A 385 -40.00 -2.09 24.10
C SER A 385 -41.03 -1.00 23.87
N LYS A 386 -40.64 0.08 23.19
CA LYS A 386 -41.58 1.12 22.81
C LYS A 386 -42.51 0.70 21.68
N TYR A 387 -42.18 -0.39 20.99
CA TYR A 387 -43.04 -0.93 19.94
C TYR A 387 -43.89 -2.11 20.39
N GLU A 388 -43.52 -2.79 21.47
CA GLU A 388 -44.33 -3.87 21.99
C GLU A 388 -45.70 -3.37 22.42
N GLU A 389 -45.74 -2.22 23.09
CA GLU A 389 -47.01 -1.62 23.47
C GLU A 389 -47.83 -1.23 22.25
N ASP A 390 -47.18 -0.66 21.23
CA ASP A 390 -47.88 -0.27 20.01
C ASP A 390 -48.30 -1.46 19.16
N ILE A 391 -47.71 -2.63 19.38
CA ILE A 391 -48.04 -3.84 18.64
C ILE A 391 -49.13 -4.66 19.31
N ALA A 392 -49.02 -4.89 20.62
CA ALA A 392 -50.06 -5.63 21.34
C ALA A 392 -51.38 -4.88 21.30
N SER A 393 -51.34 -3.57 21.49
CA SER A 393 -52.53 -2.72 21.45
C SER A 393 -52.59 -1.99 20.11
N LEU A 394 -53.78 -1.46 19.81
CA LEU A 394 -54.02 -0.72 18.57
C LEU A 394 -53.69 -1.60 17.35
N SER A 395 -54.44 -2.70 17.23
CA SER A 395 -54.28 -3.64 16.13
C SER A 395 -55.28 -3.38 15.01
N GLU A 396 -55.85 -2.18 14.94
CA GLU A 396 -56.81 -1.83 13.90
C GLU A 396 -56.05 -1.51 12.62
N ASP A 397 -56.73 -0.91 11.64
CA ASP A 397 -56.09 -0.59 10.36
C ASP A 397 -55.26 0.67 10.50
N LYS A 398 -54.39 0.71 11.50
CA LYS A 398 -53.42 1.79 11.66
C LYS A 398 -52.04 1.26 12.05
N LYS A 399 -51.91 0.00 12.44
CA LYS A 399 -50.61 -0.57 12.77
C LYS A 399 -49.74 -0.78 11.54
N GLU A 400 -50.29 -0.65 10.33
CA GLU A 400 -49.43 -0.65 9.14
C GLU A 400 -48.50 0.55 9.15
N LYS A 401 -49.05 1.73 9.47
CA LYS A 401 -48.18 2.89 9.67
C LYS A 401 -47.23 2.67 10.83
N ARG A 402 -47.67 1.94 11.86
CA ARG A 402 -46.80 1.66 12.99
C ARG A 402 -45.59 0.84 12.57
N ILE A 403 -45.81 -0.21 11.78
CA ILE A 403 -44.69 -1.03 11.34
C ILE A 403 -43.82 -0.26 10.35
N LYS A 404 -44.43 0.56 9.50
CA LYS A 404 -43.64 1.39 8.58
C LYS A 404 -42.72 2.32 9.35
N VAL A 405 -43.25 3.00 10.37
CA VAL A 405 -42.42 3.91 11.14
C VAL A 405 -41.41 3.14 11.97
N TYR A 406 -41.74 1.92 12.40
CA TYR A 406 -40.77 1.09 13.11
C TYR A 406 -39.59 0.76 12.20
N GLN A 407 -39.87 0.35 10.96
CA GLN A 407 -38.80 0.08 10.01
C GLN A 407 -37.99 1.34 9.74
N GLY A 408 -38.67 2.47 9.54
CA GLY A 408 -37.95 3.71 9.33
C GLY A 408 -37.07 4.07 10.51
N ASP A 409 -37.58 3.90 11.73
CA ASP A 409 -36.81 4.23 12.92
C ASP A 409 -35.57 3.35 13.04
N VAL A 410 -35.74 2.04 12.82
CA VAL A 410 -34.59 1.14 12.95
C VAL A 410 -33.55 1.47 11.88
N CYS A 411 -34.00 1.67 10.63
CA CYS A 411 -33.04 1.94 9.56
C CYS A 411 -32.31 3.25 9.80
N GLN A 412 -33.04 4.29 10.21
CA GLN A 412 -32.40 5.58 10.45
C GLN A 412 -31.49 5.53 11.67
N THR A 413 -31.85 4.75 12.69
CA THR A 413 -30.99 4.62 13.85
C THR A 413 -29.68 3.92 13.48
N ILE A 414 -29.75 2.84 12.70
CA ILE A 414 -28.53 2.16 12.29
C ILE A 414 -27.71 3.06 11.37
N ASN A 415 -28.38 3.84 10.53
CA ASN A 415 -27.66 4.78 9.66
C ASN A 415 -26.92 5.82 10.48
N THR A 416 -27.59 6.40 11.49
CA THR A 416 -26.94 7.36 12.36
C THR A 416 -25.79 6.72 13.12
N TYR A 417 -25.99 5.45 13.50
CA TYR A 417 -24.96 4.67 14.23
C TYR A 417 -23.70 4.50 13.37
N CYS A 418 -23.87 4.19 12.08
CA CYS A 418 -22.73 4.01 11.19
C CYS A 418 -22.08 5.34 10.87
N GLU A 419 -22.87 6.40 10.70
CA GLU A 419 -22.29 7.70 10.40
C GLU A 419 -21.48 8.23 11.57
N GLU A 420 -22.02 8.15 12.80
CA GLU A 420 -21.29 8.68 13.95
C GLU A 420 -20.00 7.91 14.18
N VAL A 421 -20.03 6.58 14.05
CA VAL A 421 -18.81 5.79 14.10
C VAL A 421 -18.00 5.89 12.82
N GLY A 422 -18.60 6.34 11.73
CA GLY A 422 -17.90 6.54 10.48
C GLY A 422 -17.04 7.77 10.44
N LYS A 423 -17.16 8.66 11.43
CA LYS A 423 -16.30 9.82 11.54
C LYS A 423 -14.92 9.46 12.09
N GLU A 424 -14.75 8.25 12.61
CA GLU A 424 -13.46 7.78 13.08
C GLU A 424 -13.05 6.45 12.45
N ALA A 425 -13.93 5.79 11.72
CA ALA A 425 -13.62 4.53 11.05
C ALA A 425 -14.47 4.43 9.79
N LYS A 426 -14.56 3.24 9.22
CA LYS A 426 -15.35 3.00 8.03
C LYS A 426 -16.80 2.73 8.43
N THR A 427 -17.71 3.40 7.74
CA THR A 427 -19.12 3.26 8.08
C THR A 427 -19.59 1.84 7.75
N PRO A 428 -20.15 1.11 8.71
CA PRO A 428 -20.72 -0.20 8.39
C PRO A 428 -21.80 -0.08 7.32
N LEU A 429 -21.83 -1.06 6.42
CA LEU A 429 -22.85 -1.07 5.38
C LEU A 429 -24.24 -1.10 6.01
N VAL A 430 -25.08 -0.12 5.66
CA VAL A 430 -26.43 -0.06 6.21
C VAL A 430 -27.21 -1.31 5.80
N GLN A 431 -26.97 -1.80 4.58
CA GLN A 431 -27.69 -2.98 4.11
C GLN A 431 -27.43 -4.17 5.02
N LEU A 432 -26.16 -4.42 5.35
CA LEU A 432 -25.84 -5.54 6.22
C LEU A 432 -26.47 -5.37 7.59
N LEU A 433 -26.41 -4.15 8.14
CA LEU A 433 -26.95 -3.93 9.47
C LEU A 433 -28.46 -4.14 9.50
N ARG A 434 -29.18 -3.60 8.52
CA ARG A 434 -30.63 -3.77 8.52
C ARG A 434 -30.99 -5.24 8.28
N TYR A 435 -30.25 -5.94 7.43
CA TYR A 435 -30.50 -7.35 7.24
C TYR A 435 -30.32 -8.12 8.54
N LEU A 436 -29.19 -7.91 9.22
CA LEU A 436 -28.93 -8.66 10.44
C LEU A 436 -29.95 -8.32 11.53
N TYR A 437 -30.35 -7.05 11.61
CA TYR A 437 -31.40 -6.68 12.54
C TYR A 437 -32.71 -7.39 12.21
N SER A 438 -33.02 -7.51 10.92
CA SER A 438 -34.21 -8.26 10.53
C SER A 438 -34.14 -9.71 10.99
N ARG A 439 -32.95 -10.22 11.26
CA ARG A 439 -32.75 -11.54 11.85
C ARG A 439 -32.23 -11.41 13.29
N LYS A 440 -32.62 -10.35 13.97
CA LYS A 440 -32.11 -10.09 15.31
C LYS A 440 -32.47 -11.22 16.27
N ASP A 441 -33.70 -11.71 16.20
CA ASP A 441 -34.15 -12.74 17.13
C ASP A 441 -33.33 -14.01 16.97
N ASP A 442 -32.99 -14.38 15.74
CA ASP A 442 -32.27 -15.63 15.49
C ASP A 442 -30.84 -15.60 16.02
N ILE A 443 -30.32 -14.43 16.38
CA ILE A 443 -28.93 -14.32 16.82
C ILE A 443 -28.90 -13.53 18.13
N ALA A 444 -28.11 -14.00 19.09
CA ALA A 444 -28.02 -13.35 20.38
C ALA A 444 -27.19 -12.08 20.28
N VAL A 445 -27.16 -11.32 21.38
CA VAL A 445 -26.46 -10.03 21.38
C VAL A 445 -24.97 -10.23 21.14
N ASP A 446 -24.36 -11.20 21.82
CA ASP A 446 -22.94 -11.45 21.71
C ASP A 446 -22.60 -12.49 20.66
N LYS A 447 -23.58 -12.99 19.90
CA LYS A 447 -23.31 -13.96 18.86
C LYS A 447 -23.07 -13.32 17.50
N ILE A 448 -23.57 -12.11 17.27
CA ILE A 448 -23.29 -11.42 16.02
C ILE A 448 -21.81 -11.09 15.89
N ILE A 449 -21.20 -10.60 16.97
CA ILE A 449 -19.77 -10.27 16.93
C ILE A 449 -18.97 -11.53 16.64
N ASP A 450 -19.30 -12.62 17.32
CA ASP A 450 -18.59 -13.88 17.09
C ASP A 450 -18.79 -14.36 15.66
N GLY A 451 -20.00 -14.24 15.14
CA GLY A 451 -20.26 -14.67 13.78
C GLY A 451 -19.48 -13.88 12.75
N ILE A 452 -19.43 -12.56 12.92
CA ILE A 452 -18.71 -11.74 11.95
C ILE A 452 -17.21 -11.96 12.04
N THR A 453 -16.65 -12.08 13.25
CA THR A 453 -15.22 -12.35 13.35
C THR A 453 -14.91 -13.74 12.80
N PHE A 454 -15.79 -14.71 13.04
CA PHE A 454 -15.60 -16.04 12.46
C PHE A 454 -15.60 -15.97 10.94
N LEU A 455 -16.53 -15.21 10.36
CA LEU A 455 -16.56 -15.08 8.90
C LEU A 455 -15.30 -14.40 8.38
N SER A 456 -14.83 -13.35 9.07
CA SER A 456 -13.60 -12.71 8.64
C SER A 456 -12.44 -13.70 8.63
N LYS A 457 -12.27 -14.42 9.73
CA LYS A 457 -11.16 -15.38 9.82
C LYS A 457 -11.30 -16.46 8.74
N LYS A 458 -12.51 -17.00 8.58
CA LYS A 458 -12.71 -18.09 7.64
C LYS A 458 -12.45 -17.63 6.21
N HIS A 459 -12.97 -16.47 5.83
CA HIS A 459 -12.87 -16.03 4.44
C HIS A 459 -11.53 -15.40 4.12
N LYS A 460 -10.73 -15.02 5.11
CA LYS A 460 -9.34 -14.67 4.83
C LYS A 460 -8.46 -15.91 4.81
N VAL A 461 -8.82 -16.95 5.56
CA VAL A 461 -8.08 -18.21 5.48
C VAL A 461 -8.33 -18.90 4.14
N GLU A 462 -9.57 -18.85 3.66
CA GLU A 462 -9.95 -19.55 2.43
C GLU A 462 -9.56 -18.80 1.17
N LYS A 463 -9.04 -17.57 1.28
CA LYS A 463 -8.51 -16.84 0.14
C LYS A 463 -7.00 -16.66 0.21
N GLN A 464 -6.38 -17.01 1.33
CA GLN A 464 -4.93 -17.07 1.44
C GLN A 464 -4.50 -18.47 0.99
N LYS A 465 -3.85 -18.53 -0.16
CA LYS A 465 -3.49 -19.81 -0.76
C LYS A 465 -2.02 -20.15 -0.49
N ILE A 466 -1.63 -21.34 -0.90
CA ILE A 466 -0.26 -21.80 -0.76
C ILE A 466 0.56 -21.35 -1.96
N ASN A 467 1.88 -21.46 -1.83
CA ASN A 467 2.79 -20.99 -2.86
C ASN A 467 3.18 -22.16 -3.76
N PRO A 468 2.80 -22.16 -5.04
CA PRO A 468 3.23 -23.24 -5.93
C PRO A 468 4.62 -22.97 -6.49
N VAL A 469 5.47 -23.99 -6.45
CA VAL A 469 6.83 -23.88 -6.99
C VAL A 469 6.72 -23.95 -8.51
N ILE A 470 6.77 -22.80 -9.17
CA ILE A 470 6.61 -22.73 -10.62
C ILE A 470 7.97 -22.43 -11.24
N GLN A 471 8.10 -22.81 -12.51
CA GLN A 471 9.33 -22.56 -13.25
C GLN A 471 9.69 -21.08 -13.21
N LYS A 472 10.85 -20.77 -12.64
CA LYS A 472 11.31 -19.39 -12.57
C LYS A 472 11.92 -18.95 -13.89
N TYR A 473 11.58 -17.76 -14.32
CA TYR A 473 12.24 -17.18 -15.48
C TYR A 473 13.65 -16.73 -15.10
N PRO A 474 14.65 -17.01 -15.93
CA PRO A 474 16.02 -16.68 -15.56
C PRO A 474 16.37 -15.22 -15.84
N SER A 475 17.45 -14.77 -15.20
CA SER A 475 17.99 -13.44 -15.44
C SER A 475 19.51 -13.40 -15.67
N PHE A 476 20.27 -14.34 -15.10
CA PHE A 476 21.69 -14.51 -15.39
C PHE A 476 22.49 -13.25 -15.07
N ASN A 477 22.57 -12.96 -13.78
CA ASN A 477 23.41 -11.85 -13.34
C ASN A 477 24.87 -12.10 -13.68
N PHE A 478 25.61 -11.02 -13.93
CA PHE A 478 27.03 -11.07 -14.22
C PHE A 478 27.78 -10.16 -13.25
N GLY A 479 28.92 -10.64 -12.76
CA GLY A 479 29.69 -9.89 -11.78
C GLY A 479 31.17 -10.13 -11.96
N ASN A 480 31.95 -9.34 -11.23
CA ASN A 480 33.41 -9.39 -11.32
C ASN A 480 34.06 -10.06 -10.11
N ASN A 481 33.28 -10.77 -9.29
CA ASN A 481 33.81 -11.44 -8.12
C ASN A 481 33.78 -12.95 -8.24
N SER A 482 32.60 -13.56 -8.40
CA SER A 482 32.52 -15.01 -8.55
C SER A 482 31.50 -15.46 -9.59
N LYS A 483 30.81 -14.54 -10.28
CA LYS A 483 29.82 -14.92 -11.28
C LYS A 483 30.53 -15.16 -12.61
N LEU A 484 29.74 -15.31 -13.67
CA LEU A 484 30.29 -15.34 -15.03
C LEU A 484 31.06 -14.06 -15.28
N LEU A 485 32.38 -14.18 -15.47
CA LEU A 485 33.23 -12.99 -15.51
C LEU A 485 32.82 -12.07 -16.66
N GLY A 486 32.71 -10.79 -16.35
CA GLY A 486 32.31 -9.79 -17.32
C GLY A 486 32.21 -8.46 -16.63
N LYS A 487 32.54 -7.41 -17.37
CA LYS A 487 32.71 -6.11 -16.75
C LYS A 487 32.31 -4.99 -17.70
N ILE A 488 31.59 -4.00 -17.16
CA ILE A 488 31.62 -2.67 -17.73
C ILE A 488 33.01 -2.10 -17.52
N ILE A 489 33.59 -1.59 -18.62
CA ILE A 489 34.97 -1.04 -18.73
C ILE A 489 35.20 0.22 -17.89
N SER A 490 34.22 1.14 -17.86
CA SER A 490 34.16 2.46 -17.15
C SER A 490 34.85 3.57 -17.96
N PRO A 491 34.83 4.84 -17.48
CA PRO A 491 35.34 6.01 -18.23
C PRO A 491 36.83 6.20 -18.61
N LYS A 492 37.78 5.96 -17.69
CA LYS A 492 39.20 6.19 -18.04
C LYS A 492 39.57 5.30 -19.22
N ASP A 493 39.10 4.06 -19.21
CA ASP A 493 39.37 3.11 -20.29
C ASP A 493 38.56 3.44 -21.53
N LYS A 494 37.34 3.94 -21.36
CA LYS A 494 36.59 4.41 -22.52
C LYS A 494 37.32 5.55 -23.20
N LEU A 495 37.90 6.47 -22.42
CA LEU A 495 38.71 7.53 -23.01
C LEU A 495 39.92 6.94 -23.73
N LYS A 496 40.58 5.95 -23.14
CA LYS A 496 41.73 5.33 -23.78
C LYS A 496 41.33 4.77 -25.14
N HIS A 497 40.23 4.02 -25.19
CA HIS A 497 39.81 3.40 -26.43
C HIS A 497 39.22 4.39 -27.43
N ASN A 498 38.74 5.55 -26.97
CA ASN A 498 38.29 6.59 -27.87
C ASN A 498 39.45 7.37 -28.47
N LEU A 499 40.54 7.53 -27.74
CA LEU A 499 41.72 8.21 -28.29
C LEU A 499 42.38 7.37 -29.37
N LYS A 500 42.47 6.04 -29.17
CA LYS A 500 43.05 5.18 -30.18
C LYS A 500 42.24 5.15 -31.46
N CYS A 501 40.99 5.60 -31.42
CA CYS A 501 40.13 5.68 -32.59
C CYS A 501 39.81 7.14 -32.88
N ASN A 502 39.03 7.36 -33.93
CA ASN A 502 38.63 8.71 -34.33
C ASN A 502 37.35 9.16 -33.64
N ARG A 503 37.34 9.05 -32.30
CA ARG A 503 36.24 9.54 -31.48
C ARG A 503 36.66 10.87 -30.86
N ASN A 504 35.74 11.83 -30.86
CA ASN A 504 36.12 13.20 -30.52
C ASN A 504 36.69 13.30 -29.12
N GLN A 505 35.85 13.09 -28.11
CA GLN A 505 36.33 12.98 -26.74
C GLN A 505 35.73 11.81 -25.99
N VAL A 506 34.45 11.53 -26.21
CA VAL A 506 33.76 10.46 -25.49
C VAL A 506 32.40 10.25 -26.14
N ASP A 507 31.98 9.00 -26.24
CA ASP A 507 30.72 8.65 -26.88
C ASP A 507 29.59 8.57 -25.85
N ASN A 508 28.36 8.67 -26.34
CA ASN A 508 27.18 8.73 -25.51
C ASN A 508 26.65 7.35 -25.12
N TYR A 509 27.46 6.31 -25.26
CA TYR A 509 27.03 4.96 -24.97
C TYR A 509 28.10 4.22 -24.17
N ILE A 510 27.69 3.11 -23.58
CA ILE A 510 28.52 2.32 -22.67
C ILE A 510 28.90 1.02 -23.36
N TRP A 511 30.11 0.54 -23.06
CA TRP A 511 30.62 -0.70 -23.62
C TRP A 511 30.91 -1.69 -22.49
N ILE A 512 30.36 -2.89 -22.60
CA ILE A 512 30.49 -3.92 -21.58
C ILE A 512 31.14 -5.14 -22.19
N GLU A 513 32.14 -5.69 -21.51
CA GLU A 513 32.85 -6.89 -21.94
C GLU A 513 32.21 -8.09 -21.22
N ILE A 514 31.51 -8.91 -21.98
CA ILE A 514 30.74 -10.04 -21.46
C ILE A 514 31.35 -11.33 -21.99
N LYS A 515 31.47 -12.33 -21.12
CA LYS A 515 32.14 -13.58 -21.46
C LYS A 515 31.10 -14.55 -22.01
N VAL A 516 30.98 -14.60 -23.33
CA VAL A 516 30.05 -15.49 -24.00
C VAL A 516 30.75 -16.79 -24.35
N LEU A 517 30.15 -17.92 -23.98
CA LEU A 517 30.68 -19.23 -24.31
C LEU A 517 30.03 -19.68 -25.61
N ASN A 518 30.71 -19.43 -26.73
CA ASN A 518 30.21 -19.86 -28.03
C ASN A 518 30.19 -21.37 -28.11
N THR A 519 29.12 -21.90 -28.69
CA THR A 519 28.90 -23.34 -28.80
C THR A 519 29.52 -23.91 -30.08
N LYS A 520 29.22 -23.30 -31.23
CA LYS A 520 29.79 -23.78 -32.49
C LYS A 520 31.31 -23.91 -32.36
N THR A 521 31.96 -22.87 -31.85
CA THR A 521 33.33 -22.95 -31.37
C THR A 521 33.22 -23.02 -29.84
N MET A 522 33.28 -24.24 -29.31
CA MET A 522 32.93 -24.49 -27.92
C MET A 522 34.00 -23.89 -27.02
N ARG A 523 33.94 -22.56 -26.86
CA ARG A 523 34.96 -21.87 -26.09
C ARG A 523 34.44 -20.51 -25.67
N TRP A 524 35.10 -19.94 -24.66
CA TRP A 524 34.66 -18.68 -24.07
C TRP A 524 35.44 -17.51 -24.68
N GLU A 525 34.70 -16.50 -25.13
CA GLU A 525 35.29 -15.29 -25.70
C GLU A 525 34.66 -14.07 -25.03
N LYS A 526 35.48 -13.07 -24.76
CA LYS A 526 35.01 -11.85 -24.10
C LYS A 526 34.66 -10.83 -25.17
N HIS A 527 33.36 -10.71 -25.46
CA HIS A 527 32.88 -9.84 -26.51
C HIS A 527 32.27 -8.58 -25.93
N HIS A 528 32.34 -7.49 -26.69
CA HIS A 528 31.90 -6.19 -26.23
C HIS A 528 30.54 -5.84 -26.82
N TYR A 529 29.64 -5.34 -25.97
CA TYR A 529 28.28 -5.01 -26.36
C TYR A 529 27.89 -3.65 -25.79
N ALA A 530 26.87 -3.06 -26.41
CA ALA A 530 26.54 -1.65 -26.22
C ALA A 530 25.32 -1.47 -25.33
N LEU A 531 25.44 -0.59 -24.34
CA LEU A 531 24.33 -0.16 -23.51
C LEU A 531 24.14 1.35 -23.71
N SER A 532 22.95 1.83 -23.43
CA SER A 532 22.58 3.21 -23.75
C SER A 532 21.80 3.86 -22.61
N SER A 533 22.31 3.71 -21.38
CA SER A 533 21.62 4.24 -20.20
C SER A 533 22.07 5.67 -19.96
N THR A 534 21.30 6.63 -20.46
CA THR A 534 21.67 8.04 -20.29
C THR A 534 21.71 8.40 -18.81
N ARG A 535 20.74 7.93 -18.04
CA ARG A 535 20.77 8.15 -16.59
C ARG A 535 22.06 7.63 -15.99
N PHE A 536 22.53 6.47 -16.46
CA PHE A 536 23.80 5.95 -15.98
C PHE A 536 24.94 6.90 -16.31
N LEU A 537 24.92 7.48 -17.51
CA LEU A 537 25.93 8.46 -17.87
C LEU A 537 25.93 9.63 -16.89
N GLU A 538 24.75 10.18 -16.60
CA GLU A 538 24.67 11.26 -15.64
C GLU A 538 25.13 10.83 -14.26
N GLU A 539 24.94 9.55 -13.91
CA GLU A 539 25.22 9.10 -12.55
C GLU A 539 26.70 8.81 -12.35
N VAL A 540 27.21 7.76 -12.97
CA VAL A 540 28.55 7.30 -12.62
C VAL A 540 29.44 7.03 -13.83
N TYR A 541 28.88 7.03 -15.04
CA TYR A 541 29.61 6.61 -16.23
C TYR A 541 30.10 7.81 -17.03
N TYR A 542 30.60 8.83 -16.35
CA TYR A 542 31.17 9.96 -17.06
C TYR A 542 32.47 10.37 -16.39
N PRO A 543 33.53 10.60 -17.16
CA PRO A 543 34.82 10.95 -16.56
C PRO A 543 34.88 12.40 -16.12
N ALA A 544 35.85 12.68 -15.25
CA ALA A 544 36.09 14.02 -14.74
C ALA A 544 37.19 14.70 -15.56
N THR A 545 36.81 15.09 -16.77
CA THR A 545 37.74 15.82 -17.64
C THR A 545 38.14 17.14 -16.99
N SER A 546 37.16 17.92 -16.56
CA SER A 546 37.41 19.18 -15.87
C SER A 546 36.47 19.26 -14.67
N GLU A 547 37.00 19.67 -13.53
CA GLU A 547 36.21 19.75 -12.30
C GLU A 547 36.23 21.16 -11.74
N GLY A 584 11.05 13.43 -30.85
CA GLY A 584 11.03 12.21 -30.06
C GLY A 584 12.24 12.09 -29.16
N LEU A 585 13.38 12.59 -29.62
CA LEU A 585 14.62 12.56 -28.87
C LEU A 585 14.92 13.88 -28.17
N ARG A 586 13.94 14.79 -28.12
CA ARG A 586 14.16 16.11 -27.53
C ARG A 586 14.64 15.99 -26.09
N LYS A 587 13.86 15.31 -25.24
CA LYS A 587 14.21 15.22 -23.83
C LYS A 587 15.54 14.52 -23.64
N VAL A 588 15.69 13.34 -24.23
CA VAL A 588 16.92 12.56 -24.05
C VAL A 588 18.12 13.36 -24.51
N LYS A 589 18.02 13.97 -25.70
CA LYS A 589 19.13 14.76 -26.20
C LYS A 589 19.52 15.86 -25.22
N LYS A 590 18.53 16.47 -24.58
CA LYS A 590 18.81 17.52 -23.59
C LYS A 590 19.72 16.99 -22.49
N ARG A 591 19.44 15.79 -22.00
CA ARG A 591 20.20 15.25 -20.88
C ARG A 591 21.67 15.13 -21.25
N GLN A 592 21.97 14.60 -22.44
CA GLN A 592 23.36 14.48 -22.87
C GLN A 592 23.98 15.85 -23.13
N MET A 593 23.26 16.73 -23.83
CA MET A 593 23.78 18.07 -24.05
C MET A 593 24.03 18.76 -22.71
N ARG A 594 23.07 18.66 -21.80
CA ARG A 594 23.26 19.19 -20.45
C ARG A 594 24.48 18.56 -19.80
N LEU A 595 24.57 17.22 -19.88
CA LEU A 595 25.77 16.54 -19.40
C LEU A 595 26.99 16.95 -20.21
N GLU A 596 26.79 17.17 -21.52
CA GLU A 596 27.90 17.62 -22.37
C GLU A 596 28.43 18.96 -21.87
N ALA A 597 27.52 19.86 -21.48
CA ALA A 597 27.94 21.16 -20.98
C ALA A 597 28.86 21.01 -19.78
N ALA A 598 28.63 19.98 -18.95
CA ALA A 598 29.49 19.77 -17.79
C ALA A 598 30.94 19.56 -18.20
N ARG A 599 31.15 19.02 -19.41
CA ARG A 599 32.51 18.85 -19.90
C ARG A 599 33.22 20.19 -20.08
N GLN A 600 32.48 21.26 -20.31
CA GLN A 600 33.04 22.59 -20.51
C GLN A 600 32.79 23.55 -19.37
N GLN A 601 31.92 23.19 -18.42
CA GLN A 601 31.71 24.01 -17.23
C GLN A 601 32.63 23.62 -16.06
N ASN A 602 33.24 22.43 -16.13
CA ASN A 602 34.22 22.00 -15.12
C ASN A 602 33.62 22.07 -13.71
N LEU A 603 32.59 21.26 -13.48
CA LEU A 603 31.91 21.22 -12.20
C LEU A 603 31.77 19.82 -11.62
N LEU A 604 31.56 18.81 -12.46
CA LEU A 604 31.22 17.48 -11.95
C LEU A 604 32.40 16.88 -11.19
N PRO A 605 32.18 16.30 -10.02
CA PRO A 605 33.26 15.62 -9.29
C PRO A 605 33.57 14.24 -9.86
N ARG A 606 34.70 13.70 -9.43
CA ARG A 606 35.08 12.34 -9.78
C ARG A 606 34.12 11.35 -9.17
N TYR A 607 33.96 10.19 -9.83
CA TYR A 607 33.01 9.19 -9.38
C TYR A 607 33.66 8.02 -8.65
N THR A 608 34.97 7.84 -8.78
CA THR A 608 35.68 6.74 -8.12
C THR A 608 35.03 5.40 -8.46
N TRP A 609 35.13 5.06 -9.75
CA TRP A 609 34.40 3.92 -10.30
C TRP A 609 34.48 2.70 -9.39
N GLY A 610 35.68 2.19 -9.17
CA GLY A 610 35.86 1.03 -8.30
C GLY A 610 35.55 -0.29 -8.97
N LYS A 611 34.63 -0.29 -9.93
CA LYS A 611 34.29 -1.47 -10.72
C LYS A 611 33.79 -2.61 -9.84
N ASP A 612 32.64 -2.37 -9.22
CA ASP A 612 31.96 -3.34 -8.37
C ASP A 612 30.50 -3.48 -8.79
N PHE A 613 30.28 -3.61 -10.10
CA PHE A 613 28.94 -3.63 -10.67
C PHE A 613 28.56 -5.05 -11.07
N ASN A 614 27.40 -5.50 -10.58
CA ASN A 614 26.89 -6.84 -10.87
C ASN A 614 25.92 -6.73 -12.04
N ILE A 615 26.49 -6.56 -13.24
CA ILE A 615 25.67 -6.41 -14.44
C ILE A 615 24.79 -7.63 -14.61
N ASN A 616 23.53 -7.39 -14.97
CA ASN A 616 22.54 -8.44 -15.17
C ASN A 616 22.09 -8.43 -16.62
N ILE A 617 22.08 -9.61 -17.25
CA ILE A 617 21.73 -9.75 -18.66
C ILE A 617 20.67 -10.85 -18.77
N CYS A 618 19.45 -10.47 -19.16
CA CYS A 618 18.37 -11.40 -19.37
C CYS A 618 17.88 -11.30 -20.81
N LYS A 619 17.44 -12.43 -21.35
CA LYS A 619 16.98 -12.53 -22.73
C LYS A 619 15.52 -12.95 -22.74
N ARG A 620 14.64 -12.05 -23.20
CA ARG A 620 13.22 -12.35 -23.27
C ARG A 620 12.81 -12.89 -24.64
N GLY A 621 12.99 -12.07 -25.67
CA GLY A 621 12.72 -12.49 -27.04
C GLY A 621 13.93 -12.29 -27.93
N ASN A 622 13.82 -11.36 -28.87
CA ASN A 622 14.92 -10.94 -29.71
C ASN A 622 15.61 -9.69 -29.19
N ASN A 623 15.63 -9.51 -27.87
CA ASN A 623 16.22 -8.33 -27.26
C ASN A 623 16.75 -8.70 -25.88
N PHE A 624 17.29 -7.70 -25.18
CA PHE A 624 17.86 -7.89 -23.86
C PHE A 624 17.55 -6.65 -23.02
N GLU A 625 17.65 -6.81 -21.70
CA GLU A 625 17.26 -5.78 -20.74
C GLU A 625 18.31 -5.63 -19.66
N VAL A 626 19.57 -5.47 -20.07
CA VAL A 626 20.68 -5.34 -19.13
C VAL A 626 20.39 -4.19 -18.17
N THR A 627 20.96 -4.23 -16.96
CA THR A 627 20.61 -3.26 -15.93
C THR A 627 21.81 -2.57 -15.29
N LEU A 628 22.95 -3.25 -15.23
CA LEU A 628 24.15 -2.72 -14.56
C LEU A 628 23.86 -2.44 -13.08
N ALA A 629 23.56 -3.50 -12.35
CA ALA A 629 23.32 -3.37 -10.92
C ALA A 629 24.63 -3.06 -10.19
N THR A 630 24.50 -2.52 -8.98
CA THR A 630 25.64 -2.23 -8.14
C THR A 630 25.22 -2.32 -6.68
N LYS A 631 26.21 -2.48 -5.80
CA LYS A 631 25.99 -2.63 -4.38
C LYS A 631 26.48 -1.38 -3.65
N VAL A 632 25.65 -0.84 -2.77
CA VAL A 632 25.96 0.36 -2.00
C VAL A 632 25.79 0.04 -0.53
N LYS A 633 26.77 0.45 0.28
CA LYS A 633 26.76 0.24 1.71
C LYS A 633 26.32 1.53 2.43
N LYS A 634 25.83 1.37 3.65
CA LYS A 634 25.31 2.48 4.43
C LYS A 634 26.12 2.78 5.68
N LYS A 635 26.36 1.79 6.53
CA LYS A 635 26.94 2.00 7.85
C LYS A 635 26.06 2.95 8.66
N LYS A 636 24.84 2.49 8.92
CA LYS A 636 23.83 3.33 9.54
C LYS A 636 24.29 3.85 10.89
N GLU A 637 23.97 5.10 11.18
CA GLU A 637 24.29 5.74 12.44
C GLU A 637 23.15 5.55 13.43
N LYS A 638 23.42 5.85 14.70
CA LYS A 638 22.45 5.64 15.76
C LYS A 638 22.16 6.94 16.51
N ASN A 639 23.17 7.79 16.68
CA ASN A 639 23.03 9.02 17.44
C ASN A 639 22.21 10.01 16.63
N TYR A 640 20.90 9.85 16.70
CA TYR A 640 19.96 10.69 15.95
C TYR A 640 19.76 11.99 16.71
N LYS A 641 20.59 12.98 16.41
CA LYS A 641 20.46 14.29 17.04
C LYS A 641 19.10 14.92 16.76
N VAL A 642 18.42 14.49 15.70
CA VAL A 642 17.13 15.04 15.32
C VAL A 642 16.22 13.88 14.97
N VAL A 643 14.91 14.16 14.93
CA VAL A 643 13.91 13.20 14.49
C VAL A 643 13.01 13.90 13.49
N LEU A 644 12.41 13.11 12.61
CA LEU A 644 11.46 13.64 11.64
C LEU A 644 10.29 12.68 11.54
N GLY A 645 9.11 13.23 11.24
CA GLY A 645 7.93 12.44 11.03
C GLY A 645 7.11 13.02 9.89
N TYR A 646 6.15 12.22 9.43
CA TYR A 646 5.26 12.66 8.36
C TYR A 646 3.93 11.95 8.50
N ASP A 647 2.92 12.50 7.82
CA ASP A 647 1.55 12.02 7.95
C ASP A 647 1.26 10.87 6.99
N ALA A 648 1.42 11.10 5.70
CA ALA A 648 1.12 10.10 4.68
C ALA A 648 -0.32 9.59 4.82
N ASN A 649 -1.26 10.53 4.69
CA ASN A 649 -2.67 10.26 4.74
C ASN A 649 -3.35 10.89 3.52
N ILE A 650 -4.62 10.52 3.31
CA ILE A 650 -5.42 11.10 2.23
C ILE A 650 -6.48 12.04 2.76
N VAL A 651 -6.36 12.51 4.00
CA VAL A 651 -7.31 13.51 4.47
C VAL A 651 -7.11 14.76 3.63
N ARG A 652 -5.93 15.39 3.73
CA ARG A 652 -5.49 16.44 2.80
C ARG A 652 -4.16 16.99 3.30
N LYS A 653 -3.32 17.51 2.39
CA LYS A 653 -2.03 18.10 2.76
C LYS A 653 -1.19 17.18 3.64
N ASN A 654 -0.74 16.08 3.04
CA ASN A 654 0.36 15.33 3.65
C ASN A 654 1.45 16.31 4.06
N THR A 655 2.13 15.99 5.17
CA THR A 655 3.05 16.96 5.76
C THR A 655 4.12 16.25 6.58
N TYR A 656 5.11 17.03 7.01
CA TYR A 656 6.24 16.52 7.77
C TYR A 656 6.57 17.49 8.89
N ALA A 657 7.35 17.02 9.85
CA ALA A 657 7.78 17.83 10.97
C ALA A 657 9.05 17.26 11.56
N ALA A 658 10.06 18.10 11.74
CA ALA A 658 11.35 17.72 12.30
C ALA A 658 11.52 18.37 13.67
N ILE A 659 11.91 17.55 14.65
CA ILE A 659 11.99 17.94 16.05
C ILE A 659 13.36 17.53 16.57
N GLU A 660 14.02 18.46 17.25
CA GLU A 660 15.33 18.18 17.82
C GLU A 660 15.16 17.52 19.20
N ALA A 661 16.23 16.96 19.72
CA ALA A 661 16.20 16.25 21.00
C ALA A 661 16.60 17.11 22.18
N HIS A 662 17.81 17.68 22.18
CA HIS A 662 18.35 18.35 23.35
C HIS A 662 18.86 19.76 23.01
N ALA A 663 18.04 20.55 22.34
CA ALA A 663 18.42 21.93 22.05
C ALA A 663 18.05 22.84 23.20
N ASN A 664 18.58 24.07 23.15
CA ASN A 664 18.37 25.08 24.19
C ASN A 664 18.10 26.42 23.50
N GLY A 665 16.84 26.75 23.32
CA GLY A 665 16.44 28.00 22.67
C GLY A 665 15.04 28.38 23.06
N ASP A 666 14.28 28.89 22.09
CA ASP A 666 12.89 29.26 22.36
C ASP A 666 12.09 28.04 22.82
N GLY A 667 12.27 26.91 22.14
CA GLY A 667 11.58 25.70 22.51
C GLY A 667 12.47 24.73 23.27
N VAL A 668 12.29 24.67 24.58
CA VAL A 668 13.03 23.73 25.43
C VAL A 668 12.01 22.77 26.03
N ILE A 669 10.96 22.48 25.27
CA ILE A 669 9.84 21.68 25.74
C ILE A 669 10.32 20.29 26.12
N ASP A 670 10.17 19.93 27.39
CA ASP A 670 10.55 18.61 27.87
C ASP A 670 9.39 17.62 27.71
N TYR A 671 9.71 16.41 27.26
CA TYR A 671 8.69 15.37 27.11
C TYR A 671 8.61 14.51 28.36
N ASN A 672 9.69 13.77 28.65
CA ASN A 672 9.84 13.07 29.92
C ASN A 672 11.09 13.50 30.67
N ASP A 673 12.24 13.51 30.00
CA ASP A 673 13.48 13.93 30.63
C ASP A 673 14.39 14.71 29.67
N LEU A 674 13.92 15.09 28.49
CA LEU A 674 14.74 15.76 27.50
C LEU A 674 13.95 16.83 26.76
N PRO A 675 14.54 18.02 26.52
CA PRO A 675 13.84 19.11 25.81
C PRO A 675 13.75 18.96 24.28
N VAL A 676 12.71 18.27 23.82
CA VAL A 676 12.47 18.15 22.38
C VAL A 676 12.11 19.52 21.81
N LYS A 677 13.02 20.11 21.05
CA LYS A 677 12.74 21.41 20.45
C LYS A 677 12.09 21.23 19.08
N PRO A 678 10.94 21.86 18.82
CA PRO A 678 10.35 21.78 17.48
C PRO A 678 11.13 22.61 16.47
N ILE A 679 11.86 21.93 15.57
CA ILE A 679 12.73 22.65 14.64
C ILE A 679 11.91 23.22 13.49
N GLU A 680 11.19 22.36 12.78
CA GLU A 680 10.44 22.85 11.63
C GLU A 680 9.26 21.92 11.38
N SER A 681 8.31 22.40 10.58
CA SER A 681 7.13 21.61 10.25
C SER A 681 6.40 22.28 9.11
N GLY A 682 6.00 21.49 8.11
CA GLY A 682 5.29 22.06 6.98
C GLY A 682 4.79 20.99 6.03
N PHE A 683 3.92 21.41 5.13
CA PHE A 683 3.43 20.51 4.11
C PHE A 683 4.57 20.09 3.20
N VAL A 684 4.61 18.79 2.85
CA VAL A 684 5.66 18.29 1.93
C VAL A 684 5.08 18.29 0.51
N THR A 685 5.54 19.21 -0.33
CA THR A 685 5.05 19.33 -1.73
C THR A 685 6.24 19.35 -2.70
N VAL A 686 6.19 18.53 -3.75
CA VAL A 686 7.28 18.51 -4.77
C VAL A 686 7.22 19.80 -5.59
N GLU A 687 8.38 20.29 -6.07
CA GLU A 687 8.42 21.53 -6.87
C GLU A 687 8.59 21.15 -8.35
N SER A 688 7.69 21.62 -9.22
CA SER A 688 7.76 21.29 -10.63
C SER A 688 7.57 22.59 -11.41
N GLN A 689 8.68 23.30 -11.65
CA GLN A 689 8.60 24.60 -12.27
C GLN A 689 7.89 24.51 -13.63
N VAL A 690 7.13 25.55 -13.95
CA VAL A 690 6.39 25.63 -15.21
C VAL A 690 6.64 27.00 -15.81
N ARG A 691 6.29 27.13 -17.10
CA ARG A 691 6.59 28.34 -17.84
C ARG A 691 6.21 29.61 -17.08
N ASP A 692 5.13 29.58 -16.31
CA ASP A 692 4.66 30.77 -15.61
C ASP A 692 4.27 30.54 -14.15
N LYS A 693 4.29 29.30 -13.65
CA LYS A 693 3.93 29.04 -12.27
C LYS A 693 4.94 28.08 -11.63
N SER A 694 4.64 27.61 -10.42
CA SER A 694 5.44 26.58 -9.75
C SER A 694 4.44 25.68 -9.02
N TYR A 695 4.00 24.63 -9.71
CA TYR A 695 3.00 23.73 -9.15
C TYR A 695 3.65 22.73 -8.21
N ASP A 696 2.81 22.02 -7.45
CA ASP A 696 3.24 20.96 -6.57
C ASP A 696 2.43 19.71 -6.88
N GLN A 697 3.13 18.66 -7.33
CA GLN A 697 2.45 17.45 -7.77
C GLN A 697 1.68 16.81 -6.63
N LEU A 698 2.27 16.78 -5.42
CA LEU A 698 1.64 16.08 -4.30
C LEU A 698 0.36 16.75 -3.83
N SER A 699 0.16 18.03 -4.14
CA SER A 699 -1.02 18.72 -3.65
C SER A 699 -1.63 19.69 -4.66
N TYR A 700 -1.29 19.57 -5.95
CA TYR A 700 -1.77 20.56 -6.91
C TYR A 700 -3.29 20.57 -6.99
N ASN A 701 -3.92 19.39 -6.97
CA ASN A 701 -5.36 19.25 -7.02
C ASN A 701 -5.94 19.71 -8.36
N GLY A 702 -5.11 19.92 -9.37
CA GLY A 702 -5.57 20.34 -10.67
C GLY A 702 -5.68 21.86 -10.79
N VAL A 703 -6.11 22.29 -11.96
CA VAL A 703 -6.31 23.71 -12.23
C VAL A 703 -7.56 24.19 -11.51
N LYS A 704 -7.75 25.51 -11.48
CA LYS A 704 -8.97 26.09 -10.95
C LYS A 704 -10.02 26.36 -12.03
N LEU A 705 -9.98 25.59 -13.12
CA LEU A 705 -10.99 25.65 -14.18
C LEU A 705 -11.11 27.02 -14.83
N LEU A 706 -10.12 27.90 -14.63
CA LEU A 706 -10.17 29.22 -15.26
C LEU A 706 -10.16 29.11 -16.77
N TYR A 707 -9.33 28.22 -17.32
CA TYR A 707 -9.25 28.00 -18.76
C TYR A 707 -9.91 26.72 -19.24
N CYS A 708 -10.31 25.83 -18.31
CA CYS A 708 -10.82 24.51 -18.69
C CYS A 708 -12.34 24.50 -18.87
N LYS A 709 -12.92 25.63 -19.25
CA LYS A 709 -14.35 25.65 -19.54
C LYS A 709 -14.79 24.63 -20.58
N PRO A 710 -14.08 24.42 -21.70
CA PRO A 710 -14.57 23.45 -22.69
C PRO A 710 -14.72 22.04 -22.14
N HIS A 711 -13.80 21.59 -21.30
CA HIS A 711 -13.86 20.22 -20.78
C HIS A 711 -15.10 20.02 -19.91
N VAL A 712 -15.30 20.90 -18.93
CA VAL A 712 -16.47 20.79 -18.07
C VAL A 712 -17.75 21.02 -18.87
N GLU A 713 -17.69 21.88 -19.89
CA GLU A 713 -18.87 22.10 -20.73
C GLU A 713 -19.23 20.84 -21.49
N SER A 714 -18.24 20.12 -21.99
CA SER A 714 -18.51 18.84 -22.65
C SER A 714 -19.10 17.83 -21.67
N ARG A 715 -18.58 17.81 -20.44
CA ARG A 715 -19.16 16.92 -19.43
C ARG A 715 -20.62 17.28 -19.15
N ARG A 716 -20.91 18.58 -19.06
CA ARG A 716 -22.28 19.03 -18.86
C ARG A 716 -23.16 18.61 -20.02
N SER A 717 -22.67 18.78 -21.25
CA SER A 717 -23.45 18.39 -22.42
C SER A 717 -23.75 16.90 -22.39
N PHE A 718 -22.76 16.09 -22.00
CA PHE A 718 -23.00 14.65 -21.89
C PHE A 718 -24.06 14.34 -20.86
N LEU A 719 -23.92 14.86 -19.65
CA LEU A 719 -24.83 14.51 -18.56
C LEU A 719 -26.19 15.18 -18.68
N GLU A 720 -26.34 16.14 -19.60
CA GLU A 720 -27.63 16.81 -19.74
C GLU A 720 -28.71 15.88 -20.28
N LYS A 721 -28.33 14.87 -21.05
CA LYS A 721 -29.28 14.01 -21.73
C LYS A 721 -29.76 12.83 -20.88
N TYR A 722 -29.29 12.72 -19.64
CA TYR A 722 -29.66 11.63 -18.76
C TYR A 722 -30.56 12.15 -17.65
N ARG A 723 -31.65 11.43 -17.39
CA ARG A 723 -32.74 11.95 -16.58
C ARG A 723 -32.36 12.10 -15.11
N ASN A 724 -32.06 11.00 -14.42
CA ASN A 724 -31.73 11.04 -13.01
C ASN A 724 -31.43 9.62 -12.54
N GLY A 725 -31.11 9.50 -11.25
CA GLY A 725 -30.89 8.22 -10.60
C GLY A 725 -31.65 8.20 -9.28
N THR A 726 -31.67 7.02 -8.65
CA THR A 726 -32.38 6.82 -7.39
C THR A 726 -31.38 6.63 -6.26
N MET A 727 -31.57 7.39 -5.18
CA MET A 727 -30.68 7.30 -4.03
C MET A 727 -31.18 6.25 -3.04
N LYS A 728 -30.53 6.17 -1.89
CA LYS A 728 -30.89 5.22 -0.84
C LYS A 728 -31.04 5.88 0.52
N ASP A 729 -30.95 7.21 0.60
CA ASP A 729 -31.07 7.88 1.89
C ASP A 729 -32.47 7.69 2.48
N ASN A 730 -33.51 7.80 1.64
CA ASN A 730 -34.89 7.65 2.09
C ASN A 730 -35.67 6.65 1.24
N ARG A 731 -34.99 5.90 0.36
CA ARG A 731 -35.64 4.88 -0.46
C ARG A 731 -36.61 5.48 -1.47
N GLY A 732 -36.27 6.64 -2.04
CA GLY A 732 -37.13 7.25 -3.04
C GLY A 732 -36.39 8.42 -3.68
N ASN A 733 -36.65 8.63 -4.97
CA ASN A 733 -36.14 9.78 -5.69
C ASN A 733 -37.00 9.98 -6.93
N ASN A 734 -37.05 11.22 -7.41
CA ASN A 734 -37.90 11.57 -8.54
C ASN A 734 -37.21 12.59 -9.42
N ILE A 735 -37.56 12.56 -10.71
CA ILE A 735 -37.06 13.53 -11.68
C ILE A 735 -37.99 13.54 -12.87
N GLN A 736 -37.90 14.60 -13.67
CA GLN A 736 -38.76 14.78 -14.83
C GLN A 736 -38.00 14.66 -16.13
N ILE A 737 -36.97 15.49 -16.34
CA ILE A 737 -36.20 15.45 -17.58
C ILE A 737 -34.88 16.20 -17.44
N ASP A 738 -33.78 15.53 -17.76
CA ASP A 738 -32.45 16.15 -17.72
C ASP A 738 -32.16 16.75 -16.36
N PHE A 739 -32.60 16.06 -15.31
CA PHE A 739 -32.32 16.51 -13.95
C PHE A 739 -30.84 16.32 -13.63
N MET A 740 -30.28 17.27 -12.89
CA MET A 740 -28.86 17.24 -12.55
C MET A 740 -28.65 16.56 -11.20
N LYS A 741 -27.42 16.12 -10.97
CA LYS A 741 -27.06 15.42 -9.75
C LYS A 741 -26.18 16.27 -8.84
N ASP A 742 -25.02 16.73 -9.33
CA ASP A 742 -24.10 17.48 -8.49
C ASP A 742 -23.43 18.64 -9.24
N PHE A 743 -23.93 19.02 -10.41
CA PHE A 743 -23.27 20.07 -11.18
C PHE A 743 -23.28 21.39 -10.43
N GLU A 744 -24.38 21.74 -9.78
CA GLU A 744 -24.47 23.02 -9.08
C GLU A 744 -23.42 23.15 -7.98
N ALA A 745 -22.89 22.04 -7.47
CA ALA A 745 -21.84 22.08 -6.45
C ALA A 745 -20.52 21.49 -6.93
N ILE A 746 -20.39 21.21 -8.23
CA ILE A 746 -19.15 20.69 -8.79
C ILE A 746 -18.62 21.49 -9.97
N ALA A 747 -19.44 22.34 -10.59
CA ALA A 747 -19.05 23.12 -11.75
C ALA A 747 -18.67 24.54 -11.40
N ASP A 748 -18.05 24.75 -10.24
CA ASP A 748 -17.65 26.06 -9.78
C ASP A 748 -16.18 26.29 -10.10
N ASP A 749 -15.87 27.46 -10.65
CA ASP A 749 -14.49 27.78 -10.99
C ASP A 749 -13.58 27.69 -9.76
N GLU A 750 -14.13 27.93 -8.57
CA GLU A 750 -13.33 27.77 -7.35
C GLU A 750 -12.87 26.34 -7.18
N THR A 751 -13.72 25.36 -7.49
CA THR A 751 -13.36 23.97 -7.34
C THR A 751 -12.20 23.61 -8.26
N SER A 752 -11.34 22.73 -7.76
CA SER A 752 -10.16 22.31 -8.53
C SER A 752 -10.56 21.33 -9.62
N LEU A 753 -9.73 21.22 -10.65
CA LEU A 753 -10.02 20.33 -11.76
C LEU A 753 -9.97 18.87 -11.33
N TYR A 754 -8.94 18.50 -10.56
CA TYR A 754 -8.82 17.09 -10.14
C TYR A 754 -10.00 16.68 -9.27
N TYR A 755 -10.41 17.52 -8.33
CA TYR A 755 -11.59 17.21 -7.53
C TYR A 755 -12.84 17.13 -8.39
N PHE A 756 -12.94 18.01 -9.39
CA PHE A 756 -14.08 17.95 -10.30
C PHE A 756 -14.13 16.61 -11.01
N ASN A 757 -12.98 16.15 -11.50
CA ASN A 757 -12.94 14.86 -12.18
C ASN A 757 -13.28 13.72 -11.23
N MET A 758 -12.78 13.78 -9.99
CA MET A 758 -13.11 12.74 -9.02
C MET A 758 -14.61 12.68 -8.79
N LYS A 759 -15.23 13.83 -8.55
CA LYS A 759 -16.67 13.85 -8.30
C LYS A 759 -17.44 13.38 -9.52
N TYR A 760 -17.01 13.80 -10.72
CA TYR A 760 -17.68 13.37 -11.93
C TYR A 760 -17.59 11.86 -12.09
N CYS A 761 -16.43 11.29 -11.81
CA CYS A 761 -16.27 9.84 -11.92
C CYS A 761 -17.15 9.12 -10.91
N LYS A 762 -17.26 9.66 -9.70
CA LYS A 762 -18.15 9.07 -8.71
C LYS A 762 -19.60 9.13 -9.19
N LEU A 763 -20.00 10.25 -9.79
CA LEU A 763 -21.37 10.36 -10.30
C LEU A 763 -21.62 9.36 -11.42
N LEU A 764 -20.65 9.18 -12.32
CA LEU A 764 -20.82 8.17 -13.36
C LEU A 764 -20.87 6.76 -12.77
N GLN A 765 -20.06 6.50 -11.76
CA GLN A 765 -20.12 5.21 -11.09
C GLN A 765 -21.51 4.95 -10.54
N SER A 766 -22.10 5.94 -9.87
CA SER A 766 -23.46 5.80 -9.36
C SER A 766 -24.46 5.63 -10.50
N SER A 767 -24.29 6.39 -11.58
CA SER A 767 -25.22 6.32 -12.69
C SER A 767 -25.26 4.93 -13.29
N ILE A 768 -24.08 4.34 -13.51
CA ILE A 768 -24.05 2.96 -14.02
C ILE A 768 -24.57 2.01 -12.96
N ARG A 769 -24.31 2.28 -11.68
CA ARG A 769 -24.89 1.46 -10.62
C ARG A 769 -26.40 1.41 -10.75
N ASN A 770 -27.01 2.51 -11.17
CA ASN A 770 -28.45 2.51 -11.46
C ASN A 770 -28.73 2.18 -12.92
N HIS A 771 -28.21 3.00 -13.84
CA HIS A 771 -28.43 2.80 -15.27
C HIS A 771 -27.44 1.75 -15.75
N SER A 772 -27.81 0.49 -15.55
CA SER A 772 -26.99 -0.65 -15.97
C SER A 772 -27.38 -1.18 -17.35
N SER A 773 -28.67 -1.22 -17.66
CA SER A 773 -29.11 -1.77 -18.93
C SER A 773 -28.57 -0.96 -20.11
N GLN A 774 -28.53 0.37 -19.97
CA GLN A 774 -28.10 1.25 -21.05
C GLN A 774 -26.60 1.51 -21.02
N ALA A 775 -25.81 0.57 -20.49
CA ALA A 775 -24.36 0.76 -20.45
C ALA A 775 -23.75 0.83 -21.83
N LYS A 776 -24.45 0.36 -22.87
CA LYS A 776 -23.90 0.41 -24.21
C LYS A 776 -23.59 1.83 -24.64
N GLU A 777 -24.30 2.82 -24.09
CA GLU A 777 -24.09 4.22 -24.43
C GLU A 777 -23.05 4.90 -23.54
N TYR A 778 -22.44 4.16 -22.62
CA TYR A 778 -21.51 4.73 -21.64
C TYR A 778 -20.07 4.30 -21.89
N ARG A 779 -19.67 4.26 -23.17
CA ARG A 779 -18.28 3.99 -23.53
C ARG A 779 -17.55 5.19 -24.10
N GLU A 780 -18.22 6.03 -24.89
CA GLU A 780 -17.57 7.22 -25.41
C GLU A 780 -17.15 8.16 -24.29
N GLU A 781 -18.03 8.32 -23.30
CA GLU A 781 -17.74 9.25 -22.21
C GLU A 781 -16.52 8.80 -21.42
N ILE A 782 -16.44 7.50 -21.09
CA ILE A 782 -15.30 7.00 -20.34
C ILE A 782 -14.02 7.21 -21.14
N PHE A 783 -14.08 7.01 -22.46
CA PHE A 783 -12.93 7.29 -23.30
C PHE A 783 -12.53 8.76 -23.18
N GLU A 784 -13.51 9.66 -23.26
CA GLU A 784 -13.19 11.08 -23.24
C GLU A 784 -12.53 11.49 -21.93
N LEU A 785 -13.06 11.01 -20.81
CA LEU A 785 -12.46 11.34 -19.51
C LEU A 785 -11.05 10.78 -19.38
N LEU A 786 -10.69 9.77 -20.16
CA LEU A 786 -9.44 9.06 -19.95
C LEU A 786 -8.50 9.10 -21.13
N ARG A 787 -9.00 9.00 -22.36
CA ARG A 787 -8.14 9.00 -23.55
C ARG A 787 -8.43 10.16 -24.48
N ASP A 788 -9.67 10.32 -24.93
CA ASP A 788 -9.97 11.26 -26.02
C ASP A 788 -9.97 12.70 -25.53
N GLY A 789 -10.49 12.95 -24.33
CA GLY A 789 -10.60 14.33 -23.86
C GLY A 789 -9.25 15.01 -23.82
N LYS A 790 -9.22 16.26 -24.26
CA LYS A 790 -7.97 17.03 -24.22
C LYS A 790 -7.43 17.10 -22.80
N LEU A 791 -8.28 17.44 -21.85
CA LEU A 791 -7.91 17.44 -20.43
C LEU A 791 -8.32 16.11 -19.79
N SER A 792 -7.82 15.03 -20.38
CA SER A 792 -8.20 13.69 -19.98
C SER A 792 -7.59 13.33 -18.63
N VAL A 793 -8.17 12.31 -18.00
CA VAL A 793 -7.66 11.84 -16.73
C VAL A 793 -6.26 11.27 -16.88
N LEU A 794 -6.02 10.49 -17.92
CA LEU A 794 -4.69 9.93 -18.13
C LEU A 794 -3.66 11.01 -18.37
N LYS A 795 -4.00 12.01 -19.19
CA LYS A 795 -3.04 13.08 -19.49
C LYS A 795 -2.84 13.98 -18.28
N LEU A 796 -3.89 14.73 -17.93
CA LEU A 796 -3.79 15.74 -16.85
C LEU A 796 -4.36 15.20 -15.54
N SER A 797 -3.49 15.14 -14.53
CA SER A 797 -3.84 14.69 -13.16
C SER A 797 -2.82 15.28 -12.18
N SER A 798 -3.16 15.39 -10.90
CA SER A 798 -2.20 15.91 -9.90
C SER A 798 -1.77 14.76 -8.99
N LEU A 799 -0.46 14.61 -8.77
CA LEU A 799 -0.03 13.48 -7.90
C LEU A 799 -0.43 13.91 -6.49
N SER A 800 -1.75 14.10 -6.34
CA SER A 800 -2.40 14.53 -5.08
C SER A 800 -3.25 13.38 -4.53
N ASN A 801 -3.33 13.33 -3.21
CA ASN A 801 -4.04 12.31 -2.44
C ASN A 801 -5.45 12.04 -2.97
N LEU A 802 -6.12 13.06 -3.49
CA LEU A 802 -7.41 12.85 -4.14
C LEU A 802 -7.26 12.49 -5.61
N SER A 803 -6.02 12.59 -6.12
CA SER A 803 -5.65 12.17 -7.51
C SER A 803 -5.71 10.64 -7.61
N PHE A 804 -5.09 9.93 -6.66
CA PHE A 804 -5.24 8.49 -6.52
C PHE A 804 -6.70 8.14 -6.34
N VAL A 805 -7.46 9.02 -5.70
CA VAL A 805 -8.89 8.80 -5.60
C VAL A 805 -9.52 8.84 -6.99
N MET A 806 -9.07 9.76 -7.85
CA MET A 806 -9.61 9.78 -9.21
C MET A 806 -9.33 8.46 -9.92
N PHE A 807 -8.11 7.93 -9.80
CA PHE A 807 -7.80 6.70 -10.51
C PHE A 807 -8.51 5.50 -9.89
N LYS A 808 -8.65 5.47 -8.57
CA LYS A 808 -9.40 4.40 -7.93
C LYS A 808 -10.86 4.42 -8.37
N VAL A 809 -11.47 5.60 -8.41
CA VAL A 809 -12.86 5.68 -8.84
C VAL A 809 -12.97 5.36 -10.32
N ALA A 810 -11.95 5.68 -11.12
CA ALA A 810 -11.97 5.27 -12.52
C ALA A 810 -11.93 3.75 -12.65
N LYS A 811 -11.05 3.09 -11.88
CA LYS A 811 -10.96 1.64 -11.92
C LYS A 811 -12.28 1.01 -11.50
N SER A 812 -12.87 1.51 -10.41
CA SER A 812 -14.16 0.99 -9.96
C SER A 812 -15.24 1.27 -10.99
N LEU A 813 -15.19 2.45 -11.63
CA LEU A 813 -16.17 2.81 -12.65
C LEU A 813 -16.13 1.83 -13.80
N ILE A 814 -14.93 1.53 -14.30
CA ILE A 814 -14.82 0.64 -15.45
C ILE A 814 -15.18 -0.79 -15.05
N GLY A 815 -14.77 -1.22 -13.86
CA GLY A 815 -15.15 -2.55 -13.41
C GLY A 815 -16.66 -2.71 -13.30
N THR A 816 -17.32 -1.73 -12.69
CA THR A 816 -18.77 -1.77 -12.58
C THR A 816 -19.44 -1.62 -13.95
N TYR A 817 -18.82 -0.88 -14.86
CA TYR A 817 -19.35 -0.81 -16.22
C TYR A 817 -19.35 -2.18 -16.88
N PHE A 818 -18.25 -2.92 -16.74
CA PHE A 818 -18.22 -4.29 -17.24
C PHE A 818 -19.26 -5.15 -16.54
N GLY A 819 -19.37 -5.02 -15.22
CA GLY A 819 -20.31 -5.85 -14.47
C GLY A 819 -21.77 -5.53 -14.74
N HIS A 820 -22.06 -4.33 -15.23
CA HIS A 820 -23.43 -3.89 -15.47
C HIS A 820 -23.77 -3.76 -16.94
N LEU A 821 -22.81 -4.06 -17.84
CA LEU A 821 -23.11 -4.12 -19.26
C LEU A 821 -23.63 -5.49 -19.69
N LEU A 822 -23.19 -6.55 -19.03
CA LEU A 822 -23.55 -7.92 -19.39
C LEU A 822 -24.66 -8.49 -18.53
N LYS A 823 -25.30 -7.67 -17.71
CA LYS A 823 -26.36 -8.14 -16.82
C LYS A 823 -27.45 -8.86 -17.61
N ALA A 834 -26.43 -16.60 -13.96
CA ALA A 834 -25.44 -15.57 -14.26
C ALA A 834 -24.08 -15.92 -13.66
N PRO A 835 -23.35 -16.81 -14.32
CA PRO A 835 -22.03 -17.17 -13.83
C PRO A 835 -21.13 -15.96 -13.78
N PRO A 836 -20.19 -15.93 -12.83
CA PRO A 836 -19.32 -14.75 -12.71
C PRO A 836 -18.52 -14.51 -13.98
N ILE A 837 -18.34 -13.23 -14.30
CA ILE A 837 -17.59 -12.83 -15.50
C ILE A 837 -16.16 -12.51 -15.08
N THR A 838 -15.20 -13.07 -15.81
CA THR A 838 -13.78 -12.92 -15.51
C THR A 838 -13.14 -11.93 -16.48
N ASP A 839 -11.82 -11.78 -16.37
CA ASP A 839 -11.11 -10.85 -17.22
C ASP A 839 -11.25 -11.21 -18.69
N GLU A 840 -11.24 -12.50 -19.02
CA GLU A 840 -11.37 -12.91 -20.41
C GLU A 840 -12.75 -12.55 -20.95
N ASP A 841 -13.78 -12.65 -20.12
CA ASP A 841 -15.11 -12.21 -20.55
C ASP A 841 -15.10 -10.73 -20.88
N LYS A 842 -14.41 -9.92 -20.06
CA LYS A 842 -14.31 -8.50 -20.34
C LYS A 842 -13.56 -8.26 -21.64
N GLN A 843 -12.47 -9.01 -21.88
CA GLN A 843 -11.77 -8.94 -23.15
C GLN A 843 -12.74 -9.16 -24.31
N LYS A 844 -13.48 -10.27 -24.26
CA LYS A 844 -14.30 -10.65 -25.41
C LYS A 844 -15.46 -9.67 -25.61
N ALA A 845 -16.05 -9.18 -24.52
CA ALA A 845 -17.18 -8.28 -24.64
C ALA A 845 -16.78 -6.99 -25.36
N ASP A 846 -15.78 -6.30 -24.78
CA ASP A 846 -15.24 -5.05 -25.39
C ASP A 846 -13.71 -5.05 -25.29
N PRO A 847 -12.96 -5.14 -26.42
CA PRO A 847 -11.49 -5.12 -26.40
C PRO A 847 -10.84 -3.80 -25.96
N GLU A 848 -11.41 -2.68 -26.42
CA GLU A 848 -10.88 -1.35 -26.18
C GLU A 848 -11.02 -0.96 -24.72
N MET A 849 -12.17 -1.28 -24.11
CA MET A 849 -12.39 -0.94 -22.72
C MET A 849 -11.46 -1.71 -21.80
N PHE A 850 -11.26 -3.00 -22.06
CA PHE A 850 -10.35 -3.78 -21.24
C PHE A 850 -8.92 -3.28 -21.37
N ALA A 851 -8.49 -2.99 -22.60
CA ALA A 851 -7.17 -2.41 -22.79
C ALA A 851 -7.06 -1.09 -22.05
N LEU A 852 -8.14 -0.31 -22.05
CA LEU A 852 -8.13 0.96 -21.32
C LEU A 852 -7.97 0.73 -19.82
N ARG A 853 -8.66 -0.26 -19.26
CA ARG A 853 -8.52 -0.51 -17.83
C ARG A 853 -7.10 -0.96 -17.51
N LEU A 854 -6.53 -1.80 -18.37
CA LEU A 854 -5.15 -2.22 -18.14
C LEU A 854 -4.19 -1.05 -18.22
N ALA A 855 -4.38 -0.17 -19.22
CA ALA A 855 -3.51 0.99 -19.37
C ALA A 855 -3.63 1.91 -18.16
N LEU A 856 -4.86 2.13 -17.70
CA LEU A 856 -5.07 2.99 -16.54
C LEU A 856 -4.50 2.37 -15.28
N GLU A 857 -4.60 1.05 -15.13
CA GLU A 857 -4.00 0.39 -13.98
C GLU A 857 -2.48 0.52 -14.01
N GLU A 858 -1.87 0.37 -15.19
CA GLU A 858 -0.43 0.57 -15.29
C GLU A 858 -0.06 2.02 -14.99
N LYS A 859 -0.87 2.96 -15.48
CA LYS A 859 -0.67 4.37 -15.18
C LYS A 859 -0.67 4.59 -13.67
N ARG A 860 -1.68 4.05 -12.99
CA ARG A 860 -1.76 4.23 -11.54
C ARG A 860 -0.63 3.52 -10.82
N LEU A 861 -0.21 2.35 -11.31
CA LEU A 861 0.88 1.63 -10.64
C LEU A 861 2.18 2.43 -10.73
N ASN A 862 2.57 2.84 -11.93
CA ASN A 862 3.79 3.63 -12.03
C ASN A 862 3.63 5.01 -11.40
N LYS A 863 2.40 5.51 -11.29
CA LYS A 863 2.20 6.80 -10.64
C LYS A 863 2.32 6.68 -9.12
N VAL A 864 1.86 5.57 -8.54
CA VAL A 864 2.07 5.36 -7.12
C VAL A 864 3.54 5.12 -6.83
N LYS A 865 4.23 4.44 -7.75
CA LYS A 865 5.69 4.38 -7.66
C LYS A 865 6.29 5.78 -7.69
N SER A 866 5.76 6.64 -8.57
CA SER A 866 6.26 8.01 -8.67
C SER A 866 6.03 8.78 -7.37
N LYS A 867 4.84 8.64 -6.78
CA LYS A 867 4.58 9.35 -5.51
C LYS A 867 5.48 8.82 -4.41
N LYS A 868 5.62 7.50 -4.32
CA LYS A 868 6.53 6.94 -3.32
C LYS A 868 7.93 7.54 -3.47
N GLU A 869 8.47 7.48 -4.69
CA GLU A 869 9.83 7.96 -4.87
C GLU A 869 9.95 9.46 -4.64
N VAL A 870 8.98 10.25 -5.07
CA VAL A 870 9.10 11.70 -4.93
C VAL A 870 8.97 12.14 -3.48
N ILE A 871 8.01 11.57 -2.75
CA ILE A 871 7.88 11.90 -1.33
C ILE A 871 9.12 11.43 -0.59
N ALA A 872 9.64 10.25 -0.94
CA ALA A 872 10.88 9.79 -0.32
C ALA A 872 12.03 10.73 -0.62
N ASN A 873 12.10 11.24 -1.85
CA ASN A 873 13.18 12.14 -2.22
C ASN A 873 13.11 13.43 -1.42
N LYS A 874 11.91 14.00 -1.29
CA LYS A 874 11.78 15.21 -0.50
C LYS A 874 12.12 14.96 0.97
N ILE A 875 11.63 13.87 1.53
CA ILE A 875 11.88 13.59 2.94
C ILE A 875 13.37 13.40 3.17
N VAL A 876 14.05 12.68 2.27
CA VAL A 876 15.48 12.46 2.45
C VAL A 876 16.27 13.73 2.20
N ALA A 877 15.83 14.58 1.27
CA ALA A 877 16.52 15.85 1.05
C ALA A 877 16.40 16.74 2.28
N LYS A 878 15.22 16.79 2.89
CA LYS A 878 15.06 17.60 4.10
C LYS A 878 15.81 16.96 5.27
N ALA A 879 15.89 15.63 5.28
CA ALA A 879 16.73 14.94 6.25
C ALA A 879 18.19 15.32 6.07
N LEU A 880 18.65 15.43 4.82
CA LEU A 880 20.01 15.89 4.56
C LEU A 880 20.20 17.33 5.02
N GLU A 881 19.18 18.17 4.82
CA GLU A 881 19.23 19.52 5.34
C GLU A 881 19.47 19.51 6.85
N LEU A 882 18.67 18.73 7.57
CA LEU A 882 18.85 18.64 9.01
C LEU A 882 20.21 18.06 9.37
N ARG A 883 20.67 17.06 8.60
CA ARG A 883 21.93 16.40 8.88
C ARG A 883 23.10 17.37 8.76
N ASP A 884 23.12 18.17 7.69
CA ASP A 884 24.15 19.19 7.55
C ASP A 884 23.96 20.31 8.55
N LYS A 885 22.74 20.50 9.05
CA LYS A 885 22.50 21.48 10.10
C LYS A 885 22.87 20.92 11.47
N TYR A 886 22.20 19.84 11.88
CA TYR A 886 22.34 19.30 13.23
C TYR A 886 22.94 17.91 13.25
N GLY A 887 22.35 16.94 12.56
CA GLY A 887 22.88 15.59 12.57
C GLY A 887 21.89 14.56 12.08
N PRO A 888 22.17 13.29 12.36
CA PRO A 888 21.31 12.20 11.86
C PRO A 888 19.87 12.38 12.32
N VAL A 889 18.95 12.02 11.43
CA VAL A 889 17.53 12.24 11.64
C VAL A 889 16.77 10.96 11.34
N LEU A 890 15.88 10.56 12.24
CA LEU A 890 14.97 9.45 12.01
C LEU A 890 13.71 9.97 11.30
N ILE A 891 12.84 9.05 10.91
CA ILE A 891 11.69 9.39 10.09
C ILE A 891 10.36 8.92 10.67
N LYS A 892 10.34 7.94 11.57
CA LYS A 892 9.12 7.56 12.30
C LYS A 892 7.99 7.18 11.35
N GLY A 893 8.20 6.06 10.65
CA GLY A 893 7.23 5.53 9.73
C GLY A 893 6.20 4.63 10.39
N GLU A 894 5.48 3.88 9.55
CA GLU A 894 4.41 2.99 10.00
C GLU A 894 4.68 1.58 9.49
N ASN A 895 4.59 0.60 10.39
CA ASN A 895 4.80 -0.80 10.06
C ASN A 895 3.54 -1.60 10.35
N ILE A 896 3.39 -2.72 9.64
CA ILE A 896 2.25 -3.61 9.79
C ILE A 896 2.68 -5.00 10.24
N SER A 897 3.63 -5.60 9.52
CA SER A 897 4.10 -6.95 9.79
C SER A 897 5.53 -6.92 10.31
N ASP A 898 6.11 -8.12 10.49
CA ASP A 898 7.47 -8.33 10.97
C ASP A 898 7.66 -7.93 12.42
N THR A 899 6.56 -7.71 13.16
CA THR A 899 6.64 -7.40 14.58
C THR A 899 5.77 -8.29 15.45
N THR A 900 4.92 -9.12 14.86
CA THR A 900 4.06 -10.08 15.57
C THR A 900 3.24 -9.43 16.67
N LYS A 901 3.14 -8.09 16.69
CA LYS A 901 2.24 -7.43 17.61
C LYS A 901 0.82 -7.36 17.06
N LYS A 902 0.66 -6.68 15.93
CA LYS A 902 -0.63 -6.51 15.26
C LYS A 902 -1.73 -6.22 16.28
N GLY A 903 -1.44 -5.29 17.19
CA GLY A 903 -2.44 -4.86 18.14
C GLY A 903 -3.61 -4.17 17.47
N LYS A 904 -3.37 -3.54 16.33
CA LYS A 904 -4.43 -2.89 15.57
C LYS A 904 -5.35 -3.92 14.93
N LYS A 905 -6.61 -3.55 14.79
CA LYS A 905 -7.56 -4.39 14.09
C LYS A 905 -7.37 -4.24 12.58
N SER A 906 -7.99 -5.16 11.83
CA SER A 906 -7.99 -5.05 10.39
C SER A 906 -8.62 -3.76 9.91
N SER A 907 -9.49 -3.15 10.73
CA SER A 907 -10.17 -1.92 10.36
C SER A 907 -9.16 -0.81 10.09
N THR A 908 -8.44 -0.37 11.12
CA THR A 908 -7.45 0.68 10.93
C THR A 908 -6.29 0.21 10.08
N ASN A 909 -6.03 -1.10 10.06
CA ASN A 909 -4.99 -1.63 9.19
C ASN A 909 -5.32 -1.34 7.73
N SER A 910 -6.57 -1.58 7.33
CA SER A 910 -6.99 -1.22 5.99
C SER A 910 -7.06 0.28 5.81
N PHE A 911 -7.51 1.00 6.84
CA PHE A 911 -7.61 2.46 6.74
C PHE A 911 -6.24 3.11 6.58
N LEU A 912 -5.16 2.41 6.95
CA LEU A 912 -3.80 2.90 6.81
C LEU A 912 -3.16 2.47 5.50
N MET A 913 -3.30 1.20 5.15
CA MET A 913 -2.59 0.62 4.01
C MET A 913 -3.15 1.06 2.66
N ASP A 914 -4.17 1.91 2.63
CA ASP A 914 -4.70 2.37 1.37
C ASP A 914 -3.61 3.06 0.55
N TRP A 915 -3.78 3.04 -0.76
CA TRP A 915 -2.82 3.59 -1.73
C TRP A 915 -1.39 3.16 -1.40
N LEU A 916 -1.24 2.04 -0.71
CA LEU A 916 0.05 1.56 -0.24
C LEU A 916 0.84 2.68 0.42
N ALA A 917 0.24 3.25 1.48
CA ALA A 917 0.95 4.25 2.27
C ALA A 917 2.24 3.69 2.82
N ARG A 918 2.21 2.45 3.30
CA ARG A 918 3.43 1.79 3.76
C ARG A 918 4.50 1.85 2.68
N GLY A 919 4.09 1.69 1.41
CA GLY A 919 5.05 1.75 0.33
C GLY A 919 5.88 3.03 0.37
N VAL A 920 5.23 4.17 0.60
CA VAL A 920 5.96 5.41 0.79
C VAL A 920 7.05 5.18 1.83
N ALA A 921 6.65 4.80 3.04
CA ALA A 921 7.61 4.46 4.08
C ALA A 921 8.62 3.46 3.54
N ASN A 922 8.14 2.40 2.91
CA ASN A 922 9.06 1.42 2.35
C ASN A 922 10.09 2.10 1.45
N LYS A 923 9.61 2.88 0.49
CA LYS A 923 10.54 3.58 -0.38
C LYS A 923 11.50 4.41 0.44
N VAL A 924 10.97 5.15 1.42
CA VAL A 924 11.81 6.01 2.23
C VAL A 924 12.87 5.23 2.97
N LYS A 925 12.59 4.00 3.39
CA LYS A 925 13.65 3.23 4.02
C LYS A 925 14.64 2.67 3.01
N GLU A 926 14.16 2.30 1.81
CA GLU A 926 15.09 1.85 0.78
C GLU A 926 16.09 2.94 0.44
N MET A 927 15.60 4.18 0.23
CA MET A 927 16.52 5.28 0.00
C MET A 927 17.35 5.58 1.24
N VAL A 928 16.83 5.23 2.43
CA VAL A 928 17.65 5.38 3.63
C VAL A 928 18.85 4.44 3.55
N MET A 929 18.74 3.36 2.80
CA MET A 929 19.86 2.42 2.67
C MET A 929 21.07 3.04 1.99
N MET A 930 20.91 4.17 1.30
CA MET A 930 22.03 4.81 0.60
C MET A 930 22.35 6.19 1.14
N HIS A 931 21.35 7.03 1.40
CA HIS A 931 21.62 8.36 1.93
C HIS A 931 22.25 8.24 3.30
N GLN A 932 23.55 8.49 3.39
CA GLN A 932 24.25 8.28 4.66
C GLN A 932 23.79 9.29 5.70
N GLY A 933 23.61 8.80 6.94
CA GLY A 933 23.21 9.61 8.06
C GLY A 933 21.75 9.42 8.45
N LEU A 934 20.91 9.01 7.52
CA LEU A 934 19.51 8.78 7.83
C LEU A 934 19.31 7.42 8.50
N GLU A 935 18.10 7.19 8.97
CA GLU A 935 17.73 5.91 9.57
C GLU A 935 16.21 5.85 9.72
N PHE A 936 15.61 4.71 9.41
CA PHE A 936 14.16 4.58 9.40
C PHE A 936 13.72 3.68 10.55
N VAL A 937 12.71 4.16 11.30
CA VAL A 937 12.06 3.38 12.34
C VAL A 937 10.56 3.57 12.19
N GLU A 938 9.82 2.47 12.29
CA GLU A 938 8.38 2.48 12.05
C GLU A 938 7.64 2.27 13.36
N VAL A 939 6.54 3.00 13.53
CA VAL A 939 5.70 2.92 14.72
C VAL A 939 4.25 2.82 14.30
N ASN A 940 3.50 1.97 14.98
CA ASN A 940 2.08 1.75 14.70
C ASN A 940 1.33 3.07 14.66
N PRO A 941 0.17 3.13 14.01
CA PRO A 941 -0.59 4.39 13.94
C PRO A 941 -1.44 4.71 15.15
N ASN A 942 -1.31 3.95 16.24
CA ASN A 942 -2.13 4.17 17.42
C ASN A 942 -1.68 5.41 18.17
N PHE A 943 -2.61 5.98 18.93
CA PHE A 943 -2.33 7.14 19.78
C PHE A 943 -1.71 8.28 18.98
N THR A 944 -2.18 8.46 17.75
CA THR A 944 -1.65 9.48 16.84
C THR A 944 -2.79 10.17 16.11
N SER A 945 -3.86 10.51 16.83
CA SER A 945 -5.04 11.11 16.22
C SER A 945 -5.27 12.54 16.68
N HIS A 946 -5.34 12.79 17.98
CA HIS A 946 -5.65 14.11 18.51
C HIS A 946 -4.73 14.51 19.65
N GLN A 947 -3.67 13.76 19.91
CA GLN A 947 -2.82 14.02 21.06
C GLN A 947 -2.22 15.41 20.98
N ASP A 948 -2.20 16.11 22.10
CA ASP A 948 -1.54 17.41 22.15
C ASP A 948 -0.05 17.18 22.26
N PRO A 949 0.75 17.60 21.27
CA PRO A 949 2.16 17.23 21.28
C PRO A 949 2.89 17.76 22.49
N PHE A 950 3.79 16.94 23.02
CA PHE A 950 4.74 17.34 24.06
C PHE A 950 4.10 17.47 25.44
N VAL A 951 2.77 17.35 25.53
CA VAL A 951 2.11 17.41 26.83
C VAL A 951 1.32 16.12 27.06
N HIS A 952 0.86 15.51 25.99
CA HIS A 952 0.22 14.21 26.10
C HIS A 952 1.27 13.15 26.43
N LYS A 953 0.99 12.33 27.44
CA LYS A 953 1.90 11.30 27.89
C LYS A 953 3.25 11.86 28.33
N ASN A 954 3.34 13.18 28.52
CA ASN A 954 4.53 13.82 29.06
C ASN A 954 4.39 13.97 30.58
N PRO A 955 3.34 14.67 31.01
CA PRO A 955 2.95 14.72 32.41
C PRO A 955 1.70 13.88 32.66
N GLU A 956 0.67 14.05 31.83
CA GLU A 956 -0.54 13.26 31.92
C GLU A 956 -1.24 13.28 30.57
N ASN A 957 -2.13 12.31 30.38
CA ASN A 957 -2.89 12.24 29.14
C ASN A 957 -3.75 13.50 28.97
N THR A 958 -3.68 14.08 27.78
CA THR A 958 -4.42 15.31 27.47
C THR A 958 -5.47 15.06 26.38
N PHE A 959 -5.05 14.55 25.23
CA PHE A 959 -5.99 14.17 24.17
C PHE A 959 -6.93 15.31 23.81
N ARG A 960 -6.40 16.52 23.69
CA ARG A 960 -7.24 17.64 23.34
C ARG A 960 -7.75 17.50 21.91
N ALA A 961 -8.91 18.08 21.65
CA ALA A 961 -9.62 17.89 20.39
C ALA A 961 -9.13 18.88 19.32
N ARG A 962 -9.54 18.61 18.09
CA ARG A 962 -9.27 19.52 16.99
C ARG A 962 -10.40 20.54 16.85
N TYR A 963 -10.13 21.60 16.10
CA TYR A 963 -11.08 22.69 15.92
C TYR A 963 -11.03 23.13 14.46
N SER A 964 -11.62 24.29 14.17
CA SER A 964 -11.57 24.85 12.82
C SER A 964 -11.68 26.37 12.94
N ARG A 965 -10.54 27.04 12.93
CA ARG A 965 -10.54 28.50 12.98
C ARG A 965 -11.19 29.07 11.74
N CYS A 966 -12.08 30.03 11.93
CA CYS A 966 -12.76 30.69 10.81
C CYS A 966 -13.57 31.85 11.36
N THR A 967 -13.91 32.78 10.48
CA THR A 967 -14.70 33.92 10.87
C THR A 967 -16.18 33.56 10.91
N PRO A 968 -17.00 34.33 11.64
CA PRO A 968 -18.44 34.04 11.68
C PRO A 968 -19.14 34.22 10.35
N SER A 969 -18.51 34.89 9.39
CA SER A 969 -19.16 35.23 8.13
C SER A 969 -19.31 34.06 7.17
N GLU A 970 -18.68 32.91 7.45
CA GLU A 970 -18.71 31.78 6.54
C GLU A 970 -19.07 30.48 7.25
N LEU A 971 -19.89 30.57 8.31
CA LEU A 971 -20.34 29.36 8.99
C LEU A 971 -21.48 28.72 8.21
N THR A 972 -21.89 27.54 8.68
CA THR A 972 -22.97 26.79 8.04
C THR A 972 -23.68 25.96 9.10
N GLU A 973 -24.71 25.23 8.67
CA GLU A 973 -25.46 24.39 9.59
C GLU A 973 -24.59 23.30 10.18
N LYS A 974 -23.65 22.77 9.39
CA LYS A 974 -22.84 21.64 9.85
C LYS A 974 -22.02 22.01 11.08
N ASN A 975 -21.42 23.21 11.09
CA ASN A 975 -20.56 23.60 12.20
C ASN A 975 -21.35 23.65 13.51
N ARG A 976 -22.47 24.37 13.52
CA ARG A 976 -23.26 24.50 14.73
C ARG A 976 -23.84 23.15 15.15
N LYS A 977 -24.32 22.37 14.17
CA LYS A 977 -24.84 21.04 14.49
C LYS A 977 -23.77 20.19 15.17
N GLU A 978 -22.54 20.23 14.64
CA GLU A 978 -21.48 19.39 15.18
C GLU A 978 -21.10 19.84 16.59
N ILE A 979 -20.93 21.15 16.79
CA ILE A 979 -20.52 21.63 18.11
C ILE A 979 -21.61 21.33 19.14
N LEU A 980 -22.87 21.57 18.79
CA LEU A 980 -23.94 21.28 19.74
C LEU A 980 -24.08 19.79 19.99
N SER A 981 -23.76 18.96 18.98
CA SER A 981 -23.76 17.52 19.19
C SER A 981 -22.66 17.10 20.15
N PHE A 982 -21.51 17.78 20.11
CA PHE A 982 -20.47 17.50 21.09
C PHE A 982 -20.95 17.73 22.51
N LEU A 983 -21.95 18.58 22.71
CA LEU A 983 -22.43 18.90 24.05
C LEU A 983 -23.36 17.84 24.61
N SER A 984 -23.78 16.86 23.81
CA SER A 984 -24.69 15.83 24.31
C SER A 984 -23.96 14.95 25.31
N ASP A 985 -24.58 14.73 26.47
CA ASP A 985 -24.00 13.95 27.55
C ASP A 985 -24.62 12.56 27.53
N LYS A 986 -23.83 11.55 27.15
CA LYS A 986 -24.27 10.17 27.13
C LYS A 986 -23.07 9.28 27.43
N PRO A 987 -23.26 7.98 27.28
CA PRO A 987 -22.17 7.03 27.46
C PRO A 987 -21.27 7.03 26.23
N SER A 988 -20.24 7.86 26.24
CA SER A 988 -19.34 7.99 25.10
C SER A 988 -18.43 6.78 24.98
N LYS A 989 -18.84 5.79 24.18
CA LYS A 989 -18.00 4.61 23.98
C LYS A 989 -16.68 4.99 23.33
N ARG A 990 -16.72 5.86 22.32
CA ARG A 990 -15.50 6.31 21.68
C ARG A 990 -14.89 7.45 22.48
N PRO A 991 -13.62 7.36 22.89
CA PRO A 991 -13.02 8.48 23.64
C PRO A 991 -13.09 9.79 22.89
N THR A 992 -13.11 9.75 21.56
CA THR A 992 -13.18 10.98 20.79
C THR A 992 -14.44 11.78 21.14
N ASN A 993 -15.57 11.10 21.31
CA ASN A 993 -16.80 11.81 21.66
C ASN A 993 -16.67 12.50 23.01
N ALA A 994 -16.11 11.81 24.01
CA ALA A 994 -15.94 12.44 25.32
C ALA A 994 -15.00 13.62 25.24
N TYR A 995 -13.93 13.49 24.45
CA TYR A 995 -12.94 14.56 24.37
C TYR A 995 -13.50 15.77 23.64
N TYR A 996 -14.35 15.53 22.63
CA TYR A 996 -15.07 16.62 21.99
C TYR A 996 -16.09 17.23 22.93
N ASN A 997 -16.70 16.43 23.80
CA ASN A 997 -17.60 16.99 24.81
C ASN A 997 -16.85 17.95 25.72
N GLU A 998 -15.67 17.53 26.20
CA GLU A 998 -14.85 18.41 27.03
C GLU A 998 -14.44 19.66 26.26
N GLY A 999 -14.05 19.50 24.99
CA GLY A 999 -13.71 20.66 24.19
C GLY A 999 -14.87 21.62 24.03
N ALA A 1000 -16.08 21.08 23.86
CA ALA A 1000 -17.26 21.91 23.75
C ALA A 1000 -17.55 22.66 25.05
N MET A 1001 -17.36 21.99 26.19
CA MET A 1001 -17.50 22.68 27.47
C MET A 1001 -16.48 23.81 27.58
N ALA A 1002 -15.24 23.57 27.17
CA ALA A 1002 -14.23 24.62 27.19
C ALA A 1002 -14.61 25.77 26.27
N PHE A 1003 -15.16 25.45 25.10
CA PHE A 1003 -15.63 26.49 24.17
C PHE A 1003 -16.74 27.31 24.79
N LEU A 1004 -17.70 26.65 25.47
CA LEU A 1004 -18.76 27.38 26.15
C LEU A 1004 -18.18 28.30 27.21
N ALA A 1005 -17.22 27.80 27.99
CA ALA A 1005 -16.59 28.64 29.01
C ALA A 1005 -15.91 29.85 28.39
N THR A 1006 -15.21 29.65 27.26
CA THR A 1006 -14.51 30.75 26.63
C THR A 1006 -15.49 31.79 26.07
N TYR A 1007 -16.62 31.33 25.52
CA TYR A 1007 -17.60 32.22 24.93
C TYR A 1007 -18.79 32.53 25.84
N GLY A 1008 -19.08 31.69 26.82
CA GLY A 1008 -20.29 31.86 27.60
C GLY A 1008 -21.51 31.76 26.71
N LEU A 1009 -21.58 30.67 25.93
CA LEU A 1009 -22.60 30.53 24.90
C LEU A 1009 -24.02 30.45 25.45
N LYS A 1010 -24.19 30.21 26.76
CA LYS A 1010 -25.53 30.02 27.33
C LYS A 1010 -26.22 28.82 26.67
N LYS A 1011 -25.67 27.64 26.99
CA LYS A 1011 -26.06 26.39 26.36
C LYS A 1011 -27.56 26.32 26.10
N ASN A 1012 -28.38 26.82 27.02
CA ASN A 1012 -29.81 26.84 26.80
C ASN A 1012 -30.17 27.55 25.51
N ASP A 1013 -29.54 28.70 25.26
CA ASP A 1013 -29.74 29.43 24.01
C ASP A 1013 -28.78 28.98 22.92
N VAL A 1014 -27.60 28.48 23.28
CA VAL A 1014 -26.66 28.03 22.26
C VAL A 1014 -27.15 26.78 21.56
N LEU A 1015 -27.83 25.89 22.29
CA LEU A 1015 -28.34 24.64 21.72
C LEU A 1015 -29.65 24.83 20.95
N GLY A 1016 -29.98 26.07 20.59
CA GLY A 1016 -31.21 26.37 19.88
C GLY A 1016 -30.94 26.47 18.38
N VAL A 1017 -31.98 26.81 17.62
CA VAL A 1017 -31.88 26.93 16.17
C VAL A 1017 -31.52 28.37 15.82
N SER A 1018 -31.71 28.75 14.55
CA SER A 1018 -31.38 30.07 14.05
C SER A 1018 -29.89 30.36 14.22
N LEU A 1019 -29.11 29.57 13.47
CA LEU A 1019 -27.65 29.72 13.49
C LEU A 1019 -27.22 31.17 13.27
N GLU A 1020 -28.07 31.98 12.64
CA GLU A 1020 -27.77 33.40 12.52
C GLU A 1020 -27.59 34.04 13.89
N LYS A 1021 -28.37 33.62 14.88
CA LYS A 1021 -28.20 34.13 16.23
C LYS A 1021 -26.83 33.76 16.80
N PHE A 1022 -26.39 32.53 16.57
CA PHE A 1022 -25.06 32.11 17.04
C PHE A 1022 -23.97 32.92 16.34
N LYS A 1023 -24.13 33.15 15.03
CA LYS A 1023 -23.15 33.95 14.30
C LYS A 1023 -23.11 35.38 14.84
N GLN A 1024 -24.28 35.96 15.14
CA GLN A 1024 -24.32 37.31 15.70
C GLN A 1024 -23.66 37.35 17.07
N ILE A 1025 -23.91 36.35 17.90
CA ILE A 1025 -23.26 36.30 19.21
C ILE A 1025 -21.75 36.19 19.07
N MET A 1026 -21.29 35.35 18.15
CA MET A 1026 -19.85 35.23 17.91
C MET A 1026 -19.27 36.54 17.41
N ALA A 1027 -20.00 37.24 16.54
CA ALA A 1027 -19.54 38.54 16.05
C ALA A 1027 -19.43 39.54 17.20
N ASN A 1028 -20.42 39.55 18.10
CA ASN A 1028 -20.35 40.44 19.24
C ASN A 1028 -19.16 40.10 20.13
N ILE A 1029 -18.93 38.81 20.37
CA ILE A 1029 -17.78 38.41 21.20
C ILE A 1029 -16.47 38.83 20.54
N LEU A 1030 -16.35 38.65 19.23
CA LEU A 1030 -15.14 39.06 18.53
C LEU A 1030 -14.97 40.57 18.53
N HIS A 1031 -16.06 41.33 18.46
CA HIS A 1031 -15.96 42.78 18.59
C HIS A 1031 -15.50 43.19 19.98
N GLN A 1032 -15.98 42.50 21.02
CA GLN A 1032 -15.51 42.76 22.36
C GLN A 1032 -14.02 42.46 22.49
N ARG A 1033 -13.61 41.27 22.05
CA ARG A 1033 -12.21 40.91 22.07
C ARG A 1033 -11.46 41.58 20.92
N SER A 1034 -10.13 41.56 21.00
CA SER A 1034 -9.32 42.11 19.93
C SER A 1034 -9.26 41.16 18.73
N GLU A 1035 -9.54 39.88 18.92
CA GLU A 1035 -9.51 38.93 17.82
C GLU A 1035 -10.69 39.14 16.88
N ASP A 1036 -10.53 38.70 15.64
CA ASP A 1036 -11.54 38.89 14.61
C ASP A 1036 -12.07 37.60 14.01
N GLN A 1037 -11.36 36.48 14.16
CA GLN A 1037 -11.79 35.19 13.63
C GLN A 1037 -12.09 34.25 14.79
N LEU A 1038 -13.27 33.65 14.78
CA LEU A 1038 -13.66 32.75 15.85
C LEU A 1038 -13.02 31.38 15.68
N LEU A 1039 -13.13 30.57 16.73
CA LEU A 1039 -12.43 29.28 16.81
C LEU A 1039 -13.34 28.31 17.55
N PHE A 1040 -13.85 27.30 16.84
CA PHE A 1040 -14.79 26.36 17.41
C PHE A 1040 -14.37 24.92 17.13
N PRO A 1041 -14.65 23.98 18.03
CA PRO A 1041 -14.30 22.58 17.78
C PRO A 1041 -15.07 22.00 16.60
N SER A 1042 -14.44 21.02 15.95
CA SER A 1042 -15.06 20.30 14.85
C SER A 1042 -14.24 19.06 14.55
N ARG A 1043 -14.81 18.17 13.73
CA ARG A 1043 -14.11 16.96 13.32
C ARG A 1043 -13.39 17.16 11.98
N GLY A 1044 -14.15 17.48 10.93
CA GLY A 1044 -13.55 17.71 9.62
C GLY A 1044 -12.98 19.10 9.52
N GLY A 1045 -12.08 19.45 10.42
CA GLY A 1045 -11.51 20.78 10.45
C GLY A 1045 -10.06 20.75 10.89
N MET A 1046 -9.32 21.75 10.41
CA MET A 1046 -7.92 21.92 10.71
C MET A 1046 -7.74 23.01 11.76
N PHE A 1047 -6.49 23.44 11.97
CA PHE A 1047 -6.12 24.36 13.04
C PHE A 1047 -6.35 23.73 14.42
N TYR A 1048 -5.63 22.63 14.65
CA TYR A 1048 -5.54 22.08 16.00
C TYR A 1048 -4.79 23.05 16.90
N LEU A 1049 -5.12 23.03 18.18
CA LEU A 1049 -4.56 23.96 19.15
C LEU A 1049 -3.42 23.27 19.90
N ALA A 1050 -2.26 23.90 19.90
CA ALA A 1050 -1.09 23.40 20.59
C ALA A 1050 -0.63 24.39 21.65
N THR A 1051 0.14 23.89 22.61
CA THR A 1051 0.62 24.69 23.73
C THR A 1051 1.98 25.31 23.46
N TYR A 1052 2.53 25.15 22.26
CA TYR A 1052 3.84 25.67 21.93
C TYR A 1052 3.85 26.16 20.49
N LYS A 1053 5.01 26.65 20.05
CA LYS A 1053 5.18 27.15 18.69
C LYS A 1053 5.61 25.99 17.80
N LEU A 1054 4.67 25.48 17.00
CA LEU A 1054 4.93 24.33 16.14
C LEU A 1054 4.82 24.68 14.67
N ASP A 1055 3.69 25.24 14.23
CA ASP A 1055 3.51 25.53 12.81
C ASP A 1055 4.51 26.54 12.28
N ALA A 1056 5.11 27.34 13.15
CA ALA A 1056 6.00 28.46 12.83
C ALA A 1056 5.19 29.66 12.34
N ASP A 1057 3.88 29.53 12.14
CA ASP A 1057 3.00 30.65 11.86
C ASP A 1057 1.85 30.72 12.83
N ALA A 1058 1.94 29.99 13.95
CA ALA A 1058 0.85 29.94 14.91
C ALA A 1058 0.73 31.26 15.67
N THR A 1059 -0.50 31.64 15.97
CA THR A 1059 -0.78 32.82 16.79
C THR A 1059 -1.16 32.39 18.19
N SER A 1060 -0.78 33.21 19.17
CA SER A 1060 -1.09 32.95 20.57
C SER A 1060 -2.53 33.38 20.84
N VAL A 1061 -3.44 32.42 20.85
CA VAL A 1061 -4.86 32.66 21.13
C VAL A 1061 -5.17 32.09 22.51
N ASN A 1062 -5.78 32.90 23.36
CA ASN A 1062 -6.15 32.46 24.69
C ASN A 1062 -7.50 31.74 24.62
N TRP A 1063 -7.54 30.51 25.15
CA TRP A 1063 -8.77 29.72 25.11
C TRP A 1063 -9.68 30.07 26.29
N ASN A 1064 -9.21 29.79 27.50
CA ASN A 1064 -9.80 30.38 28.70
C ASN A 1064 -8.79 31.21 29.46
N GLY A 1065 -7.68 30.60 29.89
CA GLY A 1065 -6.54 31.33 30.40
C GLY A 1065 -5.26 30.62 30.00
N LYS A 1066 -5.33 29.85 28.91
CA LYS A 1066 -4.29 28.89 28.56
C LYS A 1066 -3.33 29.39 27.50
N GLN A 1067 -3.62 30.52 26.86
CA GLN A 1067 -2.75 31.13 25.85
C GLN A 1067 -2.20 30.07 24.89
N PHE A 1068 -3.10 29.23 24.38
CA PHE A 1068 -2.70 28.20 23.43
C PHE A 1068 -2.17 28.84 22.15
N TRP A 1069 -1.62 28.00 21.28
CA TRP A 1069 -1.15 28.40 19.96
C TRP A 1069 -2.02 27.74 18.90
N VAL A 1070 -2.57 28.55 18.00
CA VAL A 1070 -3.46 28.02 16.95
C VAL A 1070 -2.56 27.63 15.78
N CYS A 1071 -2.01 26.42 15.89
CA CYS A 1071 -1.17 25.86 14.84
C CYS A 1071 -2.06 25.29 13.74
N ASN A 1072 -1.47 24.53 12.83
CA ASN A 1072 -2.23 23.84 11.78
C ASN A 1072 -2.39 22.38 12.16
N ALA A 1073 -3.60 21.86 11.95
CA ALA A 1073 -3.92 20.51 12.40
C ALA A 1073 -3.00 19.48 11.75
N ASP A 1074 -2.75 19.63 10.45
CA ASP A 1074 -1.91 18.65 9.76
C ASP A 1074 -0.49 18.67 10.31
N LEU A 1075 0.04 19.86 10.61
CA LEU A 1075 1.39 19.93 11.16
C LEU A 1075 1.46 19.32 12.55
N VAL A 1076 0.44 19.54 13.38
CA VAL A 1076 0.43 18.93 14.70
C VAL A 1076 0.28 17.43 14.59
N ALA A 1077 -0.48 16.96 13.60
CA ALA A 1077 -0.55 15.52 13.35
C ALA A 1077 0.81 14.97 12.95
N ALA A 1078 1.54 15.70 12.11
CA ALA A 1078 2.90 15.29 11.79
C ALA A 1078 3.76 15.25 13.03
N TYR A 1079 3.54 16.21 13.94
CA TYR A 1079 4.33 16.25 15.17
C TYR A 1079 4.05 15.03 16.04
N ASN A 1080 2.77 14.70 16.24
CA ASN A 1080 2.44 13.63 17.17
C ASN A 1080 2.69 12.26 16.58
N VAL A 1081 2.50 12.09 15.26
CA VAL A 1081 2.85 10.81 14.64
C VAL A 1081 4.34 10.57 14.78
N GLY A 1082 5.14 11.64 14.75
CA GLY A 1082 6.49 11.54 15.21
C GLY A 1082 6.57 11.47 16.72
N LEU A 1083 7.76 11.17 17.21
CA LEU A 1083 8.06 11.08 18.64
C LEU A 1083 7.09 10.20 19.41
N VAL A 1084 6.32 9.35 18.72
CA VAL A 1084 5.36 8.50 19.41
C VAL A 1084 6.08 7.62 20.42
N ASP A 1085 7.16 6.98 20.00
CA ASP A 1085 7.94 6.11 20.86
C ASP A 1085 9.38 6.59 20.96
N ILE A 1086 9.59 7.91 20.87
CA ILE A 1086 10.94 8.45 21.00
C ILE A 1086 11.53 8.08 22.35
N GLN A 1087 10.69 7.90 23.36
CA GLN A 1087 11.16 7.41 24.65
C GLN A 1087 11.82 6.04 24.53
N LYS A 1088 11.51 5.29 23.47
CA LYS A 1088 12.17 4.02 23.18
C LYS A 1088 13.05 4.08 21.95
N ASP A 1089 12.62 4.78 20.90
CA ASP A 1089 13.44 4.88 19.71
C ASP A 1089 14.73 5.65 19.97
N PHE A 1090 14.76 6.47 21.02
CA PHE A 1090 15.91 7.29 21.37
C PHE A 1090 16.20 7.19 22.86
N LYS A 1091 16.28 5.96 23.37
CA LYS A 1091 16.59 5.75 24.79
C LYS A 1091 17.87 6.47 25.17
N LYS A 1092 18.10 6.61 26.48
CA LYS A 1092 19.27 7.32 26.99
C LYS A 1092 20.51 6.44 27.02
N LYS A 1093 20.53 5.34 26.27
CA LYS A 1093 21.70 4.48 26.19
C LYS A 1093 22.93 5.27 25.78
#